data_7OW0
# 
_entry.id   7OW0 
# 
_audit_conform.dict_name       mmcif_pdbx.dic 
_audit_conform.dict_version    5.394 
_audit_conform.dict_location   http://mmcif.pdb.org/dictionaries/ascii/mmcif_pdbx.dic 
# 
loop_
_database_2.database_id 
_database_2.database_code 
_database_2.pdbx_database_accession 
_database_2.pdbx_DOI 
PDB   7OW0         pdb_00007ow0 10.2210/pdb7ow0/pdb 
WWPDB D_1292116438 ?            ?                   
# 
loop_
_pdbx_audit_revision_history.ordinal 
_pdbx_audit_revision_history.data_content_type 
_pdbx_audit_revision_history.major_revision 
_pdbx_audit_revision_history.minor_revision 
_pdbx_audit_revision_history.revision_date 
1 'Structure model' 1 0 2021-07-14 
2 'Structure model' 1 1 2022-06-08 
3 'Structure model' 1 2 2024-06-19 
# 
_pdbx_audit_revision_details.ordinal             1 
_pdbx_audit_revision_details.revision_ordinal    1 
_pdbx_audit_revision_details.data_content_type   'Structure model' 
_pdbx_audit_revision_details.provider            repository 
_pdbx_audit_revision_details.type                'Initial release' 
_pdbx_audit_revision_details.description         ? 
_pdbx_audit_revision_details.details             ? 
# 
loop_
_pdbx_audit_revision_group.ordinal 
_pdbx_audit_revision_group.revision_ordinal 
_pdbx_audit_revision_group.data_content_type 
_pdbx_audit_revision_group.group 
1 2 'Structure model' 'Database references' 
2 3 'Structure model' 'Data collection'     
# 
loop_
_pdbx_audit_revision_category.ordinal 
_pdbx_audit_revision_category.revision_ordinal 
_pdbx_audit_revision_category.data_content_type 
_pdbx_audit_revision_category.category 
1 2 'Structure model' citation        
2 2 'Structure model' citation_author 
3 2 'Structure model' database_2      
4 3 'Structure model' chem_comp_atom  
5 3 'Structure model' chem_comp_bond  
# 
loop_
_pdbx_audit_revision_item.ordinal 
_pdbx_audit_revision_item.revision_ordinal 
_pdbx_audit_revision_item.data_content_type 
_pdbx_audit_revision_item.item 
1  2 'Structure model' '_citation.country'                   
2  2 'Structure model' '_citation.journal_abbrev'            
3  2 'Structure model' '_citation.journal_id_CSD'            
4  2 'Structure model' '_citation.journal_id_ISSN'           
5  2 'Structure model' '_citation.pdbx_database_id_DOI'      
6  2 'Structure model' '_citation.title'                     
7  2 'Structure model' '_citation.year'                      
8  2 'Structure model' '_citation_author.identifier_ORCID'   
9  2 'Structure model' '_citation_author.name'               
10 2 'Structure model' '_database_2.pdbx_DOI'                
11 2 'Structure model' '_database_2.pdbx_database_accession' 
# 
_pdbx_database_status.status_code                     REL 
_pdbx_database_status.status_code_sf                  REL 
_pdbx_database_status.status_code_mr                  ? 
_pdbx_database_status.entry_id                        7OW0 
_pdbx_database_status.recvd_initial_deposition_date   2021-06-15 
_pdbx_database_status.SG_entry                        N 
_pdbx_database_status.deposit_site                    PDBE 
_pdbx_database_status.process_site                    PDBE 
_pdbx_database_status.status_code_cs                  ? 
_pdbx_database_status.status_code_nmr_data            ? 
_pdbx_database_status.methods_development_category    ? 
_pdbx_database_status.pdb_format_compatible           Y 
# 
loop_
_audit_author.name 
_audit_author.pdbx_ordinal 
_audit_author.identifier_ORCID 
'Dolot, R.M.'   1 0000-0002-2300-5264 
'Maciaszek, A.' 2 0000-0001-8855-7548 
'Nawrot, B.C.'  3 0000-0002-4084-4334 
# 
_citation.abstract                  ? 
_citation.abstract_id_CAS           ? 
_citation.book_id_ISBN              ? 
_citation.book_publisher            ? 
_citation.book_publisher_city       ? 
_citation.book_title                ? 
_citation.coordinate_linkage        ? 
_citation.country                   CH 
_citation.database_id_Medline       ? 
_citation.details                   ? 
_citation.id                        primary 
_citation.journal_abbrev            Crystals 
_citation.journal_id_ASTM           ? 
_citation.journal_id_CSD            ? 
_citation.journal_id_ISSN           2073-4352 
_citation.journal_full              ? 
_citation.journal_issue             ? 
_citation.journal_volume            ? 
_citation.language                  ? 
_citation.page_first                ? 
_citation.page_last                 ? 
_citation.title                     
;First High-Resolution Crystal Structures of DNA:2'-O-Methyl-RNA Heteroduplexes
;
_citation.year                      2022 
_citation.database_id_CSD           ? 
_citation.pdbx_database_id_DOI      10.3390/cryst12060760 
_citation.pdbx_database_id_PubMed   ? 
_citation.pdbx_database_id_patent   ? 
_citation.unpublished_flag          ? 
# 
loop_
_citation_author.citation_id 
_citation_author.name 
_citation_author.ordinal 
_citation_author.identifier_ORCID 
primary 'Dolot, R.'       1 ? 
primary 'Maciaszek, A.'   2 ? 
primary 'Mikolajczyk, B.' 3 ? 
primary 'Nawrot, B.'      4 ? 
# 
loop_
_entity.id 
_entity.type 
_entity.src_method 
_entity.pdbx_description 
_entity.formula_weight 
_entity.pdbx_number_of_molecules 
_entity.pdbx_ec 
_entity.pdbx_mutation 
_entity.pdbx_fragment 
_entity.details 
1 polymer     syn 
;DNA (5'-D(*TP*CP*TP*CP*CP*TP*AP*GP*G)-3')
;
2706.785 1  ? ? ? ? 
2 polymer     syn 
;RNA (5'-R(*(OMC)P*(OMU)P*(A2M)P*(OMG)P*(OMG)P*(A2M)P*(OMG)P*(A2M)P*(OMC))-3')
;
3021.045 1  ? ? ? ? 
3 non-polymer syn 'ZINC ION'                                                                      65.409   3  ? ? ? ? 
4 water       nat water                                                                           18.015   92 ? ? ? ? 
# 
loop_
_entity_poly.entity_id 
_entity_poly.type 
_entity_poly.nstd_linkage 
_entity_poly.nstd_monomer 
_entity_poly.pdbx_seq_one_letter_code 
_entity_poly.pdbx_seq_one_letter_code_can 
_entity_poly.pdbx_strand_id 
_entity_poly.pdbx_target_identifier 
1 polydeoxyribonucleotide no no  '(DT)(DC)(DT)(DC)(DC)(DT)(DA)(DG)(DG)'          TCTCCTAGG A ? 
2 polydeoxyribonucleotide no yes '(OMC)(OMU)(A2M)(OMG)(OMG)(A2M)(OMG)(A2M)(OMC)' CUAGGAGAC B ? 
# 
loop_
_pdbx_entity_nonpoly.entity_id 
_pdbx_entity_nonpoly.name 
_pdbx_entity_nonpoly.comp_id 
3 'ZINC ION' ZN  
4 water      HOH 
# 
loop_
_entity_poly_seq.entity_id 
_entity_poly_seq.num 
_entity_poly_seq.mon_id 
_entity_poly_seq.hetero 
1 1 DT  n 
1 2 DC  n 
1 3 DT  n 
1 4 DC  n 
1 5 DC  n 
1 6 DT  n 
1 7 DA  n 
1 8 DG  n 
1 9 DG  n 
2 1 OMC n 
2 2 OMU n 
2 3 A2M n 
2 4 OMG n 
2 5 OMG n 
2 6 A2M n 
2 7 OMG n 
2 8 A2M n 
2 9 OMC n 
# 
loop_
_pdbx_entity_src_syn.entity_id 
_pdbx_entity_src_syn.pdbx_src_id 
_pdbx_entity_src_syn.pdbx_alt_source_flag 
_pdbx_entity_src_syn.pdbx_beg_seq_num 
_pdbx_entity_src_syn.pdbx_end_seq_num 
_pdbx_entity_src_syn.organism_scientific 
_pdbx_entity_src_syn.organism_common_name 
_pdbx_entity_src_syn.ncbi_taxonomy_id 
_pdbx_entity_src_syn.details 
1 1 sample 1 9 'synthetic construct' ? 32630 ? 
2 1 sample 1 9 'synthetic construct' ? 32630 ? 
# 
loop_
_chem_comp.id 
_chem_comp.type 
_chem_comp.mon_nstd_flag 
_chem_comp.name 
_chem_comp.pdbx_synonyms 
_chem_comp.formula 
_chem_comp.formula_weight 
A2M 'RNA linking' n 
;2'-O-methyladenosine 5'-(dihydrogen phosphate)
;
? 'C11 H16 N5 O7 P' 361.248 
DA  'DNA linking' y "2'-DEOXYADENOSINE-5'-MONOPHOSPHATE"             ? 'C10 H14 N5 O6 P' 331.222 
DC  'DNA linking' y "2'-DEOXYCYTIDINE-5'-MONOPHOSPHATE"              ? 'C9 H14 N3 O7 P'  307.197 
DG  'DNA linking' y "2'-DEOXYGUANOSINE-5'-MONOPHOSPHATE"             ? 'C10 H14 N5 O7 P' 347.221 
DT  'DNA linking' y "THYMIDINE-5'-MONOPHOSPHATE"                     ? 'C10 H15 N2 O8 P' 322.208 
HOH non-polymer   . WATER                                            ? 'H2 O'            18.015  
OMC 'RNA linking' n "O2'-METHYLYCYTIDINE-5'-MONOPHOSPHATE"           ? 'C10 H16 N3 O8 P' 337.223 
OMG 'RNA linking' n "O2'-METHYLGUANOSINE-5'-MONOPHOSPHATE"           ? 'C11 H16 N5 O8 P' 377.247 
OMU 'RNA linking' n 
;O2'-METHYLURIDINE 5'-MONOPHOSPHATE
;
? 'C10 H15 N2 O9 P' 338.208 
ZN  non-polymer   . 'ZINC ION'                                       ? 'Zn 2'            65.409  
# 
loop_
_pdbx_poly_seq_scheme.asym_id 
_pdbx_poly_seq_scheme.entity_id 
_pdbx_poly_seq_scheme.seq_id 
_pdbx_poly_seq_scheme.mon_id 
_pdbx_poly_seq_scheme.ndb_seq_num 
_pdbx_poly_seq_scheme.pdb_seq_num 
_pdbx_poly_seq_scheme.auth_seq_num 
_pdbx_poly_seq_scheme.pdb_mon_id 
_pdbx_poly_seq_scheme.auth_mon_id 
_pdbx_poly_seq_scheme.pdb_strand_id 
_pdbx_poly_seq_scheme.pdb_ins_code 
_pdbx_poly_seq_scheme.hetero 
A 1 1 DT  1 1 1 DT  DT  A . n 
A 1 2 DC  2 2 2 DC  DC  A . n 
A 1 3 DT  3 3 3 DT  DT  A . n 
A 1 4 DC  4 4 4 DC  DC  A . n 
A 1 5 DC  5 5 5 DC  DC  A . n 
A 1 6 DT  6 6 6 DT  DT  A . n 
A 1 7 DA  7 7 7 DA  DA  A . n 
A 1 8 DG  8 8 8 DG  DG  A . n 
A 1 9 DG  9 9 9 DG  DG  A . n 
B 2 1 OMC 1 1 1 OMC OMC B . n 
B 2 2 OMU 2 2 2 OMU OMU B . n 
B 2 3 A2M 3 3 3 A2M A2M B . n 
B 2 4 OMG 4 4 4 OMG OMG B . n 
B 2 5 OMG 5 5 5 OMG OMG B . n 
B 2 6 A2M 6 6 6 A2M A2M B . n 
B 2 7 OMG 7 7 7 OMG OMG B . n 
B 2 8 A2M 8 8 8 A2M A2M B . n 
B 2 9 OMC 9 9 9 OMC OMC B . n 
# 
loop_
_pdbx_nonpoly_scheme.asym_id 
_pdbx_nonpoly_scheme.entity_id 
_pdbx_nonpoly_scheme.mon_id 
_pdbx_nonpoly_scheme.ndb_seq_num 
_pdbx_nonpoly_scheme.pdb_seq_num 
_pdbx_nonpoly_scheme.auth_seq_num 
_pdbx_nonpoly_scheme.pdb_mon_id 
_pdbx_nonpoly_scheme.auth_mon_id 
_pdbx_nonpoly_scheme.pdb_strand_id 
_pdbx_nonpoly_scheme.pdb_ins_code 
C 3 ZN  1  101 1  ZN  ZN  A . 
D 3 ZN  1  101 2  ZN  ZN  B . 
E 3 ZN  1  102 3  ZN  ZN  B . 
F 4 HOH 1  201 19 HOH HOH A . 
F 4 HOH 2  202 45 HOH HOH A . 
F 4 HOH 3  203 4  HOH HOH A . 
F 4 HOH 4  204 51 HOH HOH A . 
F 4 HOH 5  205 8  HOH HOH A . 
F 4 HOH 6  206 32 HOH HOH A . 
F 4 HOH 7  207 30 HOH HOH A . 
F 4 HOH 8  208 41 HOH HOH A . 
F 4 HOH 9  209 52 HOH HOH A . 
F 4 HOH 10 210 2  HOH HOH A . 
F 4 HOH 11 211 54 HOH HOH A . 
F 4 HOH 12 212 10 HOH HOH A . 
F 4 HOH 13 213 75 HOH HOH A . 
F 4 HOH 14 214 5  HOH HOH A . 
F 4 HOH 15 215 18 HOH HOH A . 
F 4 HOH 16 216 28 HOH HOH A . 
F 4 HOH 17 217 40 HOH HOH A . 
F 4 HOH 18 218 68 HOH HOH A . 
F 4 HOH 19 219 57 HOH HOH A . 
F 4 HOH 20 220 88 HOH HOH A . 
F 4 HOH 21 221 1  HOH HOH A . 
F 4 HOH 22 222 38 HOH HOH A . 
F 4 HOH 23 223 67 HOH HOH A . 
F 4 HOH 24 224 49 HOH HOH A . 
F 4 HOH 25 225 14 HOH HOH A . 
F 4 HOH 26 226 9  HOH HOH A . 
F 4 HOH 27 227 29 HOH HOH A . 
F 4 HOH 28 228 13 HOH HOH A . 
F 4 HOH 29 229 16 HOH HOH A . 
F 4 HOH 30 230 6  HOH HOH A . 
F 4 HOH 31 231 46 HOH HOH A . 
F 4 HOH 32 232 53 HOH HOH A . 
F 4 HOH 33 233 70 HOH HOH A . 
F 4 HOH 34 234 17 HOH HOH A . 
F 4 HOH 35 235 44 HOH HOH A . 
F 4 HOH 36 236 76 HOH HOH A . 
F 4 HOH 37 237 47 HOH HOH A . 
F 4 HOH 38 238 80 HOH HOH A . 
F 4 HOH 39 239 83 HOH HOH A . 
F 4 HOH 40 240 90 HOH HOH A . 
F 4 HOH 41 241 66 HOH HOH A . 
F 4 HOH 42 242 77 HOH HOH A . 
F 4 HOH 43 243 71 HOH HOH A . 
F 4 HOH 44 244 7  HOH HOH A . 
F 4 HOH 45 245 72 HOH HOH A . 
F 4 HOH 46 246 89 HOH HOH A . 
F 4 HOH 47 247 69 HOH HOH A . 
G 4 HOH 1  201 3  HOH HOH B . 
G 4 HOH 2  202 86 HOH HOH B . 
G 4 HOH 3  203 61 HOH HOH B . 
G 4 HOH 4  204 82 HOH HOH B . 
G 4 HOH 5  205 92 HOH HOH B . 
G 4 HOH 6  206 43 HOH HOH B . 
G 4 HOH 7  207 59 HOH HOH B . 
G 4 HOH 8  208 56 HOH HOH B . 
G 4 HOH 9  209 11 HOH HOH B . 
G 4 HOH 10 210 73 HOH HOH B . 
G 4 HOH 11 211 24 HOH HOH B . 
G 4 HOH 12 212 36 HOH HOH B . 
G 4 HOH 13 213 37 HOH HOH B . 
G 4 HOH 14 214 20 HOH HOH B . 
G 4 HOH 15 215 27 HOH HOH B . 
G 4 HOH 16 216 21 HOH HOH B . 
G 4 HOH 17 217 63 HOH HOH B . 
G 4 HOH 18 218 85 HOH HOH B . 
G 4 HOH 19 219 74 HOH HOH B . 
G 4 HOH 20 220 58 HOH HOH B . 
G 4 HOH 21 221 23 HOH HOH B . 
G 4 HOH 22 222 12 HOH HOH B . 
G 4 HOH 23 223 34 HOH HOH B . 
G 4 HOH 24 224 15 HOH HOH B . 
G 4 HOH 25 225 64 HOH HOH B . 
G 4 HOH 26 226 26 HOH HOH B . 
G 4 HOH 27 227 35 HOH HOH B . 
G 4 HOH 28 228 39 HOH HOH B . 
G 4 HOH 29 229 60 HOH HOH B . 
G 4 HOH 30 230 22 HOH HOH B . 
G 4 HOH 31 231 33 HOH HOH B . 
G 4 HOH 32 232 31 HOH HOH B . 
G 4 HOH 33 233 62 HOH HOH B . 
G 4 HOH 34 234 42 HOH HOH B . 
G 4 HOH 35 235 55 HOH HOH B . 
G 4 HOH 36 236 50 HOH HOH B . 
G 4 HOH 37 237 78 HOH HOH B . 
G 4 HOH 38 238 84 HOH HOH B . 
G 4 HOH 39 239 87 HOH HOH B . 
G 4 HOH 40 240 48 HOH HOH B . 
G 4 HOH 41 241 79 HOH HOH B . 
G 4 HOH 42 242 65 HOH HOH B . 
G 4 HOH 43 243 25 HOH HOH B . 
G 4 HOH 44 244 91 HOH HOH B . 
G 4 HOH 45 245 81 HOH HOH B . 
# 
loop_
_software.citation_id 
_software.classification 
_software.compiler_name 
_software.compiler_version 
_software.contact_author 
_software.contact_author_email 
_software.date 
_software.description 
_software.dependencies 
_software.hardware 
_software.language 
_software.location 
_software.mods 
_software.name 
_software.os 
_software.os_version 
_software.type 
_software.version 
_software.pdbx_ordinal 
? refinement       ? ? ? ? ? ? ? ? ? ? ? PHENIX ? ? ? 1.19.2_4158 1 
? 'data reduction' ? ? ? ? ? ? ? ? ? ? ? XDS    ? ? ? .           2 
? 'data scaling'   ? ? ? ? ? ? ? ? ? ? ? XDS    ? ? ? .           3 
? phasing          ? ? ? ? ? ? ? ? ? ? ? SHELXD ? ? ? .           4 
# 
_cell.angle_alpha                  90.000 
_cell.angle_alpha_esd              ? 
_cell.angle_beta                   90.000 
_cell.angle_beta_esd               ? 
_cell.angle_gamma                  90.000 
_cell.angle_gamma_esd              ? 
_cell.entry_id                     7OW0 
_cell.details                      ? 
_cell.formula_units_Z              ? 
_cell.length_a                     31.850 
_cell.length_a_esd                 ? 
_cell.length_b                     31.850 
_cell.length_b_esd                 ? 
_cell.length_c                     91.660 
_cell.length_c_esd                 ? 
_cell.volume                       92981.966 
_cell.volume_esd                   ? 
_cell.Z_PDB                        8 
_cell.reciprocal_angle_alpha       ? 
_cell.reciprocal_angle_beta        ? 
_cell.reciprocal_angle_gamma       ? 
_cell.reciprocal_angle_alpha_esd   ? 
_cell.reciprocal_angle_beta_esd    ? 
_cell.reciprocal_angle_gamma_esd   ? 
_cell.reciprocal_length_a          ? 
_cell.reciprocal_length_b          ? 
_cell.reciprocal_length_c          ? 
_cell.reciprocal_length_a_esd      ? 
_cell.reciprocal_length_b_esd      ? 
_cell.reciprocal_length_c_esd      ? 
_cell.pdbx_unique_axis             ? 
# 
_symmetry.entry_id                         7OW0 
_symmetry.cell_setting                     ? 
_symmetry.Int_Tables_number                96 
_symmetry.space_group_name_Hall            'P 4nw 2abw' 
_symmetry.space_group_name_H-M             'P 43 21 2' 
_symmetry.pdbx_full_space_group_name_H-M   ? 
# 
_exptl.absorpt_coefficient_mu     ? 
_exptl.absorpt_correction_T_max   ? 
_exptl.absorpt_correction_T_min   ? 
_exptl.absorpt_correction_type    ? 
_exptl.absorpt_process_details    ? 
_exptl.entry_id                   7OW0 
_exptl.crystals_number            1 
_exptl.details                    ? 
_exptl.method                     'X-RAY DIFFRACTION' 
_exptl.method_details             ? 
# 
_exptl_crystal.colour                      ? 
_exptl_crystal.density_diffrn              ? 
_exptl_crystal.density_Matthews            2.03 
_exptl_crystal.density_method              ? 
_exptl_crystal.density_percent_sol         39.38 
_exptl_crystal.description                 prism 
_exptl_crystal.F_000                       ? 
_exptl_crystal.id                          1 
_exptl_crystal.preparation                 ? 
_exptl_crystal.size_max                    ? 
_exptl_crystal.size_mid                    ? 
_exptl_crystal.size_min                    ? 
_exptl_crystal.size_rad                    ? 
_exptl_crystal.colour_lustre               ? 
_exptl_crystal.colour_modifier             ? 
_exptl_crystal.colour_primary              ? 
_exptl_crystal.density_meas                ? 
_exptl_crystal.density_meas_esd            ? 
_exptl_crystal.density_meas_gt             ? 
_exptl_crystal.density_meas_lt             ? 
_exptl_crystal.density_meas_temp           ? 
_exptl_crystal.density_meas_temp_esd       ? 
_exptl_crystal.density_meas_temp_gt        ? 
_exptl_crystal.density_meas_temp_lt        ? 
_exptl_crystal.pdbx_crystal_image_url      ? 
_exptl_crystal.pdbx_crystal_image_format   ? 
_exptl_crystal.pdbx_mosaicity              ? 
_exptl_crystal.pdbx_mosaicity_esd          ? 
# 
_exptl_crystal_grow.apparatus       ? 
_exptl_crystal_grow.atmosphere      ? 
_exptl_crystal_grow.crystal_id      1 
_exptl_crystal_grow.details         ? 
_exptl_crystal_grow.method          'VAPOR DIFFUSION, HANGING DROP' 
_exptl_crystal_grow.method_ref      ? 
_exptl_crystal_grow.pH              6.5 
_exptl_crystal_grow.pressure        ? 
_exptl_crystal_grow.pressure_esd    ? 
_exptl_crystal_grow.seeding         ? 
_exptl_crystal_grow.seeding_ref     ? 
_exptl_crystal_grow.temp            293 
_exptl_crystal_grow.temp_details    ? 
_exptl_crystal_grow.temp_esd        ? 
_exptl_crystal_grow.time            ? 
_exptl_crystal_grow.pdbx_details    '1.8 M Li2SO4, 50 mM Na cacodylate pH 6.5, 5 mM spermine, 50 mM ZnCl2' 
_exptl_crystal_grow.pdbx_pH_range   ? 
# 
_diffrn.ambient_environment              ? 
_diffrn.ambient_temp                     100 
_diffrn.ambient_temp_details             ? 
_diffrn.ambient_temp_esd                 ? 
_diffrn.crystal_id                       1 
_diffrn.crystal_support                  ? 
_diffrn.crystal_treatment                ? 
_diffrn.details                          ? 
_diffrn.id                               1 
_diffrn.ambient_pressure                 ? 
_diffrn.ambient_pressure_esd             ? 
_diffrn.ambient_pressure_gt              ? 
_diffrn.ambient_pressure_lt              ? 
_diffrn.ambient_temp_gt                  ? 
_diffrn.ambient_temp_lt                  ? 
_diffrn.pdbx_serial_crystal_experiment   N 
# 
_diffrn_detector.details                      ? 
_diffrn_detector.detector                     PIXEL 
_diffrn_detector.diffrn_id                    1 
_diffrn_detector.type                         'DECTRIS PILATUS3 2M' 
_diffrn_detector.area_resol_mean              ? 
_diffrn_detector.dtime                        ? 
_diffrn_detector.pdbx_frames_total            ? 
_diffrn_detector.pdbx_collection_time_total   ? 
_diffrn_detector.pdbx_collection_date         2020-03-07 
_diffrn_detector.pdbx_frequency               ? 
# 
_diffrn_radiation.collimation                      ? 
_diffrn_radiation.diffrn_id                        1 
_diffrn_radiation.filter_edge                      ? 
_diffrn_radiation.inhomogeneity                    ? 
_diffrn_radiation.monochromator                    'DCM Si(111)' 
_diffrn_radiation.polarisn_norm                    ? 
_diffrn_radiation.polarisn_ratio                   ? 
_diffrn_radiation.probe                            ? 
_diffrn_radiation.type                             ? 
_diffrn_radiation.xray_symbol                      ? 
_diffrn_radiation.wavelength_id                    1 
_diffrn_radiation.pdbx_monochromatic_or_laue_m_l   M 
_diffrn_radiation.pdbx_wavelength_list             ? 
_diffrn_radiation.pdbx_wavelength                  ? 
_diffrn_radiation.pdbx_diffrn_protocol             'SINGLE WAVELENGTH' 
_diffrn_radiation.pdbx_analyzer                    ? 
_diffrn_radiation.pdbx_scattering_type             x-ray 
# 
_diffrn_radiation_wavelength.id           1 
_diffrn_radiation_wavelength.wavelength   1.28308 
_diffrn_radiation_wavelength.wt           1.0 
# 
_diffrn_source.current                     ? 
_diffrn_source.details                     ? 
_diffrn_source.diffrn_id                   1 
_diffrn_source.power                       ? 
_diffrn_source.size                        ? 
_diffrn_source.source                      SYNCHROTRON 
_diffrn_source.target                      ? 
_diffrn_source.type                        'BESSY BEAMLINE 14.2' 
_diffrn_source.voltage                     ? 
_diffrn_source.take-off_angle              ? 
_diffrn_source.pdbx_wavelength_list        1.28308 
_diffrn_source.pdbx_wavelength             ? 
_diffrn_source.pdbx_synchrotron_beamline   14.2 
_diffrn_source.pdbx_synchrotron_site       BESSY 
# 
_reflns.B_iso_Wilson_estimate                          19.82 
_reflns.entry_id                                       7OW0 
_reflns.data_reduction_details                         ? 
_reflns.data_reduction_method                          ? 
_reflns.d_resolution_high                              1.55 
_reflns.d_resolution_low                               31.85 
_reflns.details                                        ? 
_reflns.limit_h_max                                    ? 
_reflns.limit_h_min                                    ? 
_reflns.limit_k_max                                    ? 
_reflns.limit_k_min                                    ? 
_reflns.limit_l_max                                    ? 
_reflns.limit_l_min                                    ? 
_reflns.number_all                                     ? 
_reflns.number_obs                                     12966 
_reflns.observed_criterion                             ? 
_reflns.observed_criterion_F_max                       ? 
_reflns.observed_criterion_F_min                       ? 
_reflns.observed_criterion_I_max                       ? 
_reflns.observed_criterion_I_min                       ? 
_reflns.observed_criterion_sigma_F                     ? 
_reflns.observed_criterion_sigma_I                     ? 
_reflns.percent_possible_obs                           99.0 
_reflns.R_free_details                                 ? 
_reflns.Rmerge_F_all                                   ? 
_reflns.Rmerge_F_obs                                   ? 
_reflns.Friedel_coverage                               ? 
_reflns.number_gt                                      ? 
_reflns.threshold_expression                           ? 
_reflns.pdbx_redundancy                                6.03 
_reflns.pdbx_Rmerge_I_obs                              0.049 
_reflns.pdbx_Rmerge_I_all                              ? 
_reflns.pdbx_Rsym_value                                ? 
_reflns.pdbx_netI_over_av_sigmaI                       ? 
_reflns.pdbx_netI_over_sigmaI                          18.92 
_reflns.pdbx_res_netI_over_av_sigmaI_2                 ? 
_reflns.pdbx_res_netI_over_sigmaI_2                    ? 
_reflns.pdbx_chi_squared                               0.99 
_reflns.pdbx_scaling_rejects                           ? 
_reflns.pdbx_d_res_high_opt                            ? 
_reflns.pdbx_d_res_low_opt                             ? 
_reflns.pdbx_d_res_opt_method                          ? 
_reflns.phase_calculation_details                      ? 
_reflns.pdbx_Rrim_I_all                                0.053 
_reflns.pdbx_Rpim_I_all                                ? 
_reflns.pdbx_d_opt                                     ? 
_reflns.pdbx_number_measured_all                       ? 
_reflns.pdbx_diffrn_id                                 1 
_reflns.pdbx_ordinal                                   1 
_reflns.pdbx_CC_half                                   0.998 
_reflns.pdbx_CC_star                                   ? 
_reflns.pdbx_R_split                                   ? 
_reflns.pdbx_aniso_diffraction_limit_axis_1_ortho[1]   ? 
_reflns.pdbx_aniso_diffraction_limit_axis_1_ortho[2]   ? 
_reflns.pdbx_aniso_diffraction_limit_axis_1_ortho[3]   ? 
_reflns.pdbx_aniso_diffraction_limit_axis_2_ortho[1]   ? 
_reflns.pdbx_aniso_diffraction_limit_axis_2_ortho[2]   ? 
_reflns.pdbx_aniso_diffraction_limit_axis_2_ortho[3]   ? 
_reflns.pdbx_aniso_diffraction_limit_axis_3_ortho[1]   ? 
_reflns.pdbx_aniso_diffraction_limit_axis_3_ortho[2]   ? 
_reflns.pdbx_aniso_diffraction_limit_axis_3_ortho[3]   ? 
_reflns.pdbx_aniso_diffraction_limit_1                 ? 
_reflns.pdbx_aniso_diffraction_limit_2                 ? 
_reflns.pdbx_aniso_diffraction_limit_3                 ? 
_reflns.pdbx_aniso_B_tensor_eigenvector_1_ortho[1]     ? 
_reflns.pdbx_aniso_B_tensor_eigenvector_1_ortho[2]     ? 
_reflns.pdbx_aniso_B_tensor_eigenvector_1_ortho[3]     ? 
_reflns.pdbx_aniso_B_tensor_eigenvector_2_ortho[1]     ? 
_reflns.pdbx_aniso_B_tensor_eigenvector_2_ortho[2]     ? 
_reflns.pdbx_aniso_B_tensor_eigenvector_2_ortho[3]     ? 
_reflns.pdbx_aniso_B_tensor_eigenvector_3_ortho[1]     ? 
_reflns.pdbx_aniso_B_tensor_eigenvector_3_ortho[2]     ? 
_reflns.pdbx_aniso_B_tensor_eigenvector_3_ortho[3]     ? 
_reflns.pdbx_aniso_B_tensor_eigenvalue_1               ? 
_reflns.pdbx_aniso_B_tensor_eigenvalue_2               ? 
_reflns.pdbx_aniso_B_tensor_eigenvalue_3               ? 
_reflns.pdbx_orthogonalization_convention              ? 
_reflns.pdbx_percent_possible_ellipsoidal              ? 
_reflns.pdbx_percent_possible_spherical                ? 
_reflns.pdbx_percent_possible_ellipsoidal_anomalous    ? 
_reflns.pdbx_percent_possible_spherical_anomalous      ? 
_reflns.pdbx_redundancy_anomalous                      ? 
_reflns.pdbx_CC_half_anomalous                         ? 
_reflns.pdbx_absDiff_over_sigma_anomalous              ? 
_reflns.pdbx_percent_possible_anomalous                ? 
_reflns.pdbx_observed_signal_threshold                 ? 
_reflns.pdbx_signal_type                               ? 
_reflns.pdbx_signal_details                            ? 
_reflns.pdbx_signal_software_id                        ? 
# 
_reflns_shell.d_res_high                                    1.55 
_reflns_shell.d_res_low                                     1.64 
_reflns_shell.meanI_over_sigI_all                           ? 
_reflns_shell.meanI_over_sigI_obs                           1.96 
_reflns_shell.number_measured_all                           ? 
_reflns_shell.number_measured_obs                           ? 
_reflns_shell.number_possible                               ? 
_reflns_shell.number_unique_all                             ? 
_reflns_shell.number_unique_obs                             1979 
_reflns_shell.percent_possible_all                          94.6 
_reflns_shell.percent_possible_obs                          ? 
_reflns_shell.Rmerge_F_all                                  ? 
_reflns_shell.Rmerge_F_obs                                  ? 
_reflns_shell.Rmerge_I_all                                  ? 
_reflns_shell.Rmerge_I_obs                                  0.586 
_reflns_shell.meanI_over_sigI_gt                            ? 
_reflns_shell.meanI_over_uI_all                             ? 
_reflns_shell.meanI_over_uI_gt                              ? 
_reflns_shell.number_measured_gt                            ? 
_reflns_shell.number_unique_gt                              ? 
_reflns_shell.percent_possible_gt                           ? 
_reflns_shell.Rmerge_F_gt                                   ? 
_reflns_shell.Rmerge_I_gt                                   ? 
_reflns_shell.pdbx_redundancy                               3.36 
_reflns_shell.pdbx_Rsym_value                               ? 
_reflns_shell.pdbx_chi_squared                              ? 
_reflns_shell.pdbx_netI_over_sigmaI_all                     ? 
_reflns_shell.pdbx_netI_over_sigmaI_obs                     ? 
_reflns_shell.pdbx_Rrim_I_all                               0.696 
_reflns_shell.pdbx_Rpim_I_all                               ? 
_reflns_shell.pdbx_rejects                                  ? 
_reflns_shell.pdbx_ordinal                                  1 
_reflns_shell.pdbx_diffrn_id                                1 
_reflns_shell.pdbx_CC_half                                  0.771 
_reflns_shell.pdbx_CC_star                                  ? 
_reflns_shell.pdbx_R_split                                  ? 
_reflns_shell.pdbx_percent_possible_ellipsoidal             ? 
_reflns_shell.pdbx_percent_possible_spherical               ? 
_reflns_shell.pdbx_percent_possible_ellipsoidal_anomalous   ? 
_reflns_shell.pdbx_percent_possible_spherical_anomalous     ? 
_reflns_shell.pdbx_redundancy_anomalous                     ? 
_reflns_shell.pdbx_CC_half_anomalous                        ? 
_reflns_shell.pdbx_absDiff_over_sigma_anomalous             ? 
_reflns_shell.pdbx_percent_possible_anomalous               ? 
# 
_refine.aniso_B[1][1]                            ? 
_refine.aniso_B[1][2]                            ? 
_refine.aniso_B[1][3]                            ? 
_refine.aniso_B[2][2]                            ? 
_refine.aniso_B[2][3]                            ? 
_refine.aniso_B[3][3]                            ? 
_refine.B_iso_max                                ? 
_refine.B_iso_mean                               24.30 
_refine.B_iso_min                                ? 
_refine.correlation_coeff_Fo_to_Fc               ? 
_refine.correlation_coeff_Fo_to_Fc_free          ? 
_refine.details                                  ? 
_refine.diff_density_max                         ? 
_refine.diff_density_max_esd                     ? 
_refine.diff_density_min                         ? 
_refine.diff_density_min_esd                     ? 
_refine.diff_density_rms                         ? 
_refine.diff_density_rms_esd                     ? 
_refine.entry_id                                 7OW0 
_refine.pdbx_refine_id                           'X-RAY DIFFRACTION' 
_refine.ls_abs_structure_details                 ? 
_refine.ls_abs_structure_Flack                   ? 
_refine.ls_abs_structure_Flack_esd               ? 
_refine.ls_abs_structure_Rogers                  ? 
_refine.ls_abs_structure_Rogers_esd              ? 
_refine.ls_d_res_high                            1.55 
_refine.ls_d_res_low                             30.09 
_refine.ls_extinction_coef                       ? 
_refine.ls_extinction_coef_esd                   ? 
_refine.ls_extinction_expression                 ? 
_refine.ls_extinction_method                     ? 
_refine.ls_goodness_of_fit_all                   ? 
_refine.ls_goodness_of_fit_all_esd               ? 
_refine.ls_goodness_of_fit_obs                   ? 
_refine.ls_goodness_of_fit_obs_esd               ? 
_refine.ls_hydrogen_treatment                    ? 
_refine.ls_matrix_type                           ? 
_refine.ls_number_constraints                    ? 
_refine.ls_number_parameters                     ? 
_refine.ls_number_reflns_all                     ? 
_refine.ls_number_reflns_obs                     12953 
_refine.ls_number_reflns_R_free                  1298 
_refine.ls_number_reflns_R_work                  11655 
_refine.ls_number_restraints                     ? 
_refine.ls_percent_reflns_obs                    98.83 
_refine.ls_percent_reflns_R_free                 10.02 
_refine.ls_R_factor_all                          ? 
_refine.ls_R_factor_obs                          0.2241 
_refine.ls_R_factor_R_free                       0.2508 
_refine.ls_R_factor_R_free_error                 ? 
_refine.ls_R_factor_R_free_error_details         ? 
_refine.ls_R_factor_R_work                       0.2211 
_refine.ls_R_Fsqd_factor_obs                     ? 
_refine.ls_R_I_factor_obs                        ? 
_refine.ls_redundancy_reflns_all                 ? 
_refine.ls_redundancy_reflns_obs                 ? 
_refine.ls_restrained_S_all                      ? 
_refine.ls_restrained_S_obs                      ? 
_refine.ls_shift_over_esd_max                    ? 
_refine.ls_shift_over_esd_mean                   ? 
_refine.ls_structure_factor_coef                 ? 
_refine.ls_weighting_details                     ? 
_refine.ls_weighting_scheme                      ? 
_refine.ls_wR_factor_all                         ? 
_refine.ls_wR_factor_obs                         ? 
_refine.ls_wR_factor_R_free                      ? 
_refine.ls_wR_factor_R_work                      ? 
_refine.occupancy_max                            ? 
_refine.occupancy_min                            ? 
_refine.solvent_model_details                    'FLAT BULK SOLVENT MODEL' 
_refine.solvent_model_param_bsol                 ? 
_refine.solvent_model_param_ksol                 ? 
_refine.pdbx_R_complete                          ? 
_refine.ls_R_factor_gt                           ? 
_refine.ls_goodness_of_fit_gt                    ? 
_refine.ls_goodness_of_fit_ref                   ? 
_refine.ls_shift_over_su_max                     ? 
_refine.ls_shift_over_su_max_lt                  ? 
_refine.ls_shift_over_su_mean                    ? 
_refine.ls_shift_over_su_mean_lt                 ? 
_refine.pdbx_ls_sigma_I                          ? 
_refine.pdbx_ls_sigma_F                          1.94 
_refine.pdbx_ls_sigma_Fsqd                       ? 
_refine.pdbx_data_cutoff_high_absF               ? 
_refine.pdbx_data_cutoff_high_rms_absF           ? 
_refine.pdbx_data_cutoff_low_absF                ? 
_refine.pdbx_isotropic_thermal_model             ? 
_refine.pdbx_ls_cross_valid_method               'FREE R-VALUE' 
_refine.pdbx_method_to_determine_struct          SAD 
_refine.pdbx_starting_model                      ? 
_refine.pdbx_stereochemistry_target_values       'GeoStd + Monomer Library + CDL v1.2' 
_refine.pdbx_R_Free_selection_details            ? 
_refine.pdbx_stereochem_target_val_spec_case     ? 
_refine.pdbx_overall_ESU_R                       ? 
_refine.pdbx_overall_ESU_R_Free                  ? 
_refine.pdbx_solvent_vdw_probe_radii             1.1100 
_refine.pdbx_solvent_ion_probe_radii             ? 
_refine.pdbx_solvent_shrinkage_radii             0.9000 
_refine.pdbx_real_space_R                        ? 
_refine.pdbx_density_correlation                 ? 
_refine.pdbx_pd_number_of_powder_patterns        ? 
_refine.pdbx_pd_number_of_points                 ? 
_refine.pdbx_pd_meas_number_of_points            ? 
_refine.pdbx_pd_proc_ls_prof_R_factor            ? 
_refine.pdbx_pd_proc_ls_prof_wR_factor           ? 
_refine.pdbx_pd_Marquardt_correlation_coeff      ? 
_refine.pdbx_pd_Fsqrd_R_factor                   ? 
_refine.pdbx_pd_ls_matrix_band_width             ? 
_refine.pdbx_overall_phase_error                 30.5899 
_refine.pdbx_overall_SU_R_free_Cruickshank_DPI   ? 
_refine.pdbx_overall_SU_R_free_Blow_DPI          ? 
_refine.pdbx_overall_SU_R_Blow_DPI               ? 
_refine.pdbx_TLS_residual_ADP_flag               ? 
_refine.pdbx_diffrn_id                           1 
_refine.overall_SU_B                             ? 
_refine.overall_SU_ML                            0.1738 
_refine.overall_SU_R_Cruickshank_DPI             ? 
_refine.overall_SU_R_free                        ? 
_refine.overall_FOM_free_R_set                   ? 
_refine.overall_FOM_work_R_set                   ? 
_refine.pdbx_average_fsc_overall                 ? 
_refine.pdbx_average_fsc_work                    ? 
_refine.pdbx_average_fsc_free                    ? 
# 
_refine_hist.pdbx_refine_id                   'X-RAY DIFFRACTION' 
_refine_hist.cycle_id                         LAST 
_refine_hist.details                          ? 
_refine_hist.d_res_high                       1.55 
_refine_hist.d_res_low                        30.09 
_refine_hist.number_atoms_solvent             92 
_refine_hist.number_atoms_total               475 
_refine_hist.number_reflns_all                ? 
_refine_hist.number_reflns_obs                ? 
_refine_hist.number_reflns_R_free             ? 
_refine_hist.number_reflns_R_work             ? 
_refine_hist.R_factor_all                     ? 
_refine_hist.R_factor_obs                     ? 
_refine_hist.R_factor_R_free                  ? 
_refine_hist.R_factor_R_work                  ? 
_refine_hist.pdbx_number_residues_total       ? 
_refine_hist.pdbx_B_iso_mean_ligand           ? 
_refine_hist.pdbx_B_iso_mean_solvent          ? 
_refine_hist.pdbx_number_atoms_protein        0 
_refine_hist.pdbx_number_atoms_nucleic_acid   380 
_refine_hist.pdbx_number_atoms_ligand         3 
_refine_hist.pdbx_number_atoms_lipid          ? 
_refine_hist.pdbx_number_atoms_carb           ? 
_refine_hist.pdbx_pseudo_atom_details         ? 
# 
loop_
_refine_ls_restr.pdbx_refine_id 
_refine_ls_restr.criterion 
_refine_ls_restr.dev_ideal 
_refine_ls_restr.dev_ideal_target 
_refine_ls_restr.number 
_refine_ls_restr.rejects 
_refine_ls_restr.type 
_refine_ls_restr.weight 
_refine_ls_restr.pdbx_restraint_function 
'X-RAY DIFFRACTION' ? 0.0032 ? 423 ? f_bond_d           ? ? 
'X-RAY DIFFRACTION' ? 0.6241 ? 648 ? f_angle_d          ? ? 
'X-RAY DIFFRACTION' ? 0.0257 ? 71  ? f_chiral_restr     ? ? 
'X-RAY DIFFRACTION' ? 0.0018 ? 129 ? f_plane_restr      ? ? 
'X-RAY DIFFRACTION' ? 9.7166 ? 273 ? f_dihedral_angle_d ? ? 
# 
loop_
_refine_ls_shell.pdbx_refine_id 
_refine_ls_shell.d_res_high 
_refine_ls_shell.d_res_low 
_refine_ls_shell.number_reflns_all 
_refine_ls_shell.number_reflns_obs 
_refine_ls_shell.number_reflns_R_free 
_refine_ls_shell.number_reflns_R_work 
_refine_ls_shell.percent_reflns_obs 
_refine_ls_shell.percent_reflns_R_free 
_refine_ls_shell.R_factor_all 
_refine_ls_shell.R_factor_obs 
_refine_ls_shell.R_factor_R_free 
_refine_ls_shell.R_factor_R_free_error 
_refine_ls_shell.R_factor_R_work 
_refine_ls_shell.redundancy_reflns_all 
_refine_ls_shell.redundancy_reflns_obs 
_refine_ls_shell.wR_factor_all 
_refine_ls_shell.wR_factor_obs 
_refine_ls_shell.wR_factor_R_free 
_refine_ls_shell.wR_factor_R_work 
_refine_ls_shell.pdbx_R_complete 
_refine_ls_shell.pdbx_total_number_of_bins_used 
_refine_ls_shell.pdbx_phase_error 
_refine_ls_shell.pdbx_fsc_work 
_refine_ls_shell.pdbx_fsc_free 
'X-RAY DIFFRACTION' 1.55 1.61  . . 137 1215 93.31  . . . 0.3467 . 0.3206 . . . . . . . . . . . 
'X-RAY DIFFRACTION' 1.61 1.68  . . 146 1281 97.74  . . . 0.3095 . 0.2953 . . . . . . . . . . . 
'X-RAY DIFFRACTION' 1.68 1.77  . . 148 1306 99.45  . . . 0.3297 . 0.2684 . . . . . . . . . . . 
'X-RAY DIFFRACTION' 1.77 1.88  . . 150 1305 100.00 . . . 0.2960 . 0.2428 . . . . . . . . . . . 
'X-RAY DIFFRACTION' 1.88 2.03  . . 137 1302 100.00 . . . 0.2799 . 0.2543 . . . . . . . . . . . 
'X-RAY DIFFRACTION' 2.03 2.23  . . 150 1321 99.93  . . . 0.2650 . 0.2693 . . . . . . . . . . . 
'X-RAY DIFFRACTION' 2.23 2.55  . . 144 1305 100.00 . . . 0.2709 . 0.2381 . . . . . . . . . . . 
'X-RAY DIFFRACTION' 2.56 3.22  . . 144 1316 99.52  . . . 0.2684 . 0.2414 . . . . . . . . . . . 
'X-RAY DIFFRACTION' 3.22 30.09 . . 142 1304 99.45  . . . 0.1900 . 0.1600 . . . . . . . . . . . 
# 
_struct.entry_id                     7OW0 
_struct.title                        
;1.55 A crystal structure of DNA/2'-O-methyl-RNA heteroduplex with overhangs solved by Zn-SAD.
;
_struct.pdbx_model_details           ? 
_struct.pdbx_formula_weight          ? 
_struct.pdbx_formula_weight_method   ? 
_struct.pdbx_model_type_details      ? 
_struct.pdbx_CASP_flag               N 
# 
_struct_keywords.entry_id        7OW0 
_struct_keywords.text            
;DNA/2'-O-methyl-RNA, duplex, heteroduplex, Zn-SAD, DNA-RNA HYBRID
;
_struct_keywords.pdbx_keywords   'DNA-RNA HYBRID' 
# 
loop_
_struct_asym.id 
_struct_asym.pdbx_blank_PDB_chainid_flag 
_struct_asym.pdbx_modified 
_struct_asym.entity_id 
_struct_asym.details 
A N N 1 ? 
B N N 2 ? 
C N N 3 ? 
D N N 3 ? 
E N N 3 ? 
F N N 4 ? 
G N N 4 ? 
# 
loop_
_struct_ref.id 
_struct_ref.db_name 
_struct_ref.db_code 
_struct_ref.pdbx_db_accession 
_struct_ref.pdbx_db_isoform 
_struct_ref.entity_id 
_struct_ref.pdbx_seq_one_letter_code 
_struct_ref.pdbx_align_begin 
1 PDB 7OW0 7OW0 ? 1 ? 1 
2 PDB 7OW0 7OW0 ? 2 ? 1 
# 
loop_
_struct_ref_seq.align_id 
_struct_ref_seq.ref_id 
_struct_ref_seq.pdbx_PDB_id_code 
_struct_ref_seq.pdbx_strand_id 
_struct_ref_seq.seq_align_beg 
_struct_ref_seq.pdbx_seq_align_beg_ins_code 
_struct_ref_seq.seq_align_end 
_struct_ref_seq.pdbx_seq_align_end_ins_code 
_struct_ref_seq.pdbx_db_accession 
_struct_ref_seq.db_align_beg 
_struct_ref_seq.pdbx_db_align_beg_ins_code 
_struct_ref_seq.db_align_end 
_struct_ref_seq.pdbx_db_align_end_ins_code 
_struct_ref_seq.pdbx_auth_seq_align_beg 
_struct_ref_seq.pdbx_auth_seq_align_end 
1 1 7OW0 A 1 ? 9 ? 7OW0 1 ? 9 ? 1 9 
2 2 7OW0 B 1 ? 9 ? 7OW0 1 ? 9 ? 1 9 
# 
_pdbx_struct_assembly.id                   1 
_pdbx_struct_assembly.details              author_defined_assembly 
_pdbx_struct_assembly.method_details       ? 
_pdbx_struct_assembly.oligomeric_details   dimeric 
_pdbx_struct_assembly.oligomeric_count     2 
# 
_pdbx_struct_assembly_gen.assembly_id       1 
_pdbx_struct_assembly_gen.oper_expression   1 
_pdbx_struct_assembly_gen.asym_id_list      A,B,C,D,E,F,G 
# 
_pdbx_struct_assembly_auth_evidence.id                     1 
_pdbx_struct_assembly_auth_evidence.assembly_id            1 
_pdbx_struct_assembly_auth_evidence.experimental_support   none 
_pdbx_struct_assembly_auth_evidence.details                ? 
# 
_pdbx_struct_oper_list.id                   1 
_pdbx_struct_oper_list.type                 'identity operation' 
_pdbx_struct_oper_list.name                 1_555 
_pdbx_struct_oper_list.symmetry_operation   x,y,z 
_pdbx_struct_oper_list.matrix[1][1]         1.0000000000 
_pdbx_struct_oper_list.matrix[1][2]         0.0000000000 
_pdbx_struct_oper_list.matrix[1][3]         0.0000000000 
_pdbx_struct_oper_list.vector[1]            0.0000000000 
_pdbx_struct_oper_list.matrix[2][1]         0.0000000000 
_pdbx_struct_oper_list.matrix[2][2]         1.0000000000 
_pdbx_struct_oper_list.matrix[2][3]         0.0000000000 
_pdbx_struct_oper_list.vector[2]            0.0000000000 
_pdbx_struct_oper_list.matrix[3][1]         0.0000000000 
_pdbx_struct_oper_list.matrix[3][2]         0.0000000000 
_pdbx_struct_oper_list.matrix[3][3]         1.0000000000 
_pdbx_struct_oper_list.vector[3]            0.0000000000 
# 
loop_
_struct_conn.id 
_struct_conn.conn_type_id 
_struct_conn.pdbx_leaving_atom_flag 
_struct_conn.pdbx_PDB_id 
_struct_conn.ptnr1_label_asym_id 
_struct_conn.ptnr1_label_comp_id 
_struct_conn.ptnr1_label_seq_id 
_struct_conn.ptnr1_label_atom_id 
_struct_conn.pdbx_ptnr1_label_alt_id 
_struct_conn.pdbx_ptnr1_PDB_ins_code 
_struct_conn.pdbx_ptnr1_standard_comp_id 
_struct_conn.ptnr1_symmetry 
_struct_conn.ptnr2_label_asym_id 
_struct_conn.ptnr2_label_comp_id 
_struct_conn.ptnr2_label_seq_id 
_struct_conn.ptnr2_label_atom_id 
_struct_conn.pdbx_ptnr2_label_alt_id 
_struct_conn.pdbx_ptnr2_PDB_ins_code 
_struct_conn.ptnr1_auth_asym_id 
_struct_conn.ptnr1_auth_comp_id 
_struct_conn.ptnr1_auth_seq_id 
_struct_conn.ptnr2_auth_asym_id 
_struct_conn.ptnr2_auth_comp_id 
_struct_conn.ptnr2_auth_seq_id 
_struct_conn.ptnr2_symmetry 
_struct_conn.pdbx_ptnr3_label_atom_id 
_struct_conn.pdbx_ptnr3_label_seq_id 
_struct_conn.pdbx_ptnr3_label_comp_id 
_struct_conn.pdbx_ptnr3_label_asym_id 
_struct_conn.pdbx_ptnr3_label_alt_id 
_struct_conn.pdbx_ptnr3_PDB_ins_code 
_struct_conn.details 
_struct_conn.pdbx_dist_value 
_struct_conn.pdbx_value_order 
_struct_conn.pdbx_role 
covale1  covale both ? B OMC 1 "O3'" ? ? ? 1_555 B OMU 2 P  ? ? B OMC 1   B OMU 2   1_555 ? ? ? ? ? ? ?            1.606 ? ? 
covale2  covale both ? B OMU 2 "O3'" ? ? ? 1_555 B A2M 3 P  ? ? B OMU 2   B A2M 3   1_555 ? ? ? ? ? ? ?            1.606 ? ? 
covale3  covale one  ? B A2M 3 "O3'" ? ? ? 1_555 B OMG 4 P  ? ? B A2M 3   B OMG 4   1_555 ? ? ? ? ? ? ?            1.607 ? ? 
covale4  covale both ? B OMG 4 "O3'" ? ? ? 1_555 B OMG 5 P  ? ? B OMG 4   B OMG 5   1_555 ? ? ? ? ? ? ?            1.606 ? ? 
covale5  covale both ? B OMG 5 "O3'" ? ? ? 1_555 B A2M 6 P  ? ? B OMG 5   B A2M 6   1_555 ? ? ? ? ? ? ?            1.607 ? ? 
covale6  covale one  ? B A2M 6 "O3'" ? ? ? 1_555 B OMG 7 P  ? ? B A2M 6   B OMG 7   1_555 ? ? ? ? ? ? ?            1.608 ? ? 
covale7  covale both ? B OMG 7 "O3'" ? ? ? 1_555 B A2M 8 P  ? ? B OMG 7   B A2M 8   1_555 ? ? ? ? ? ? ?            1.607 ? ? 
covale8  covale one  ? B A2M 8 "O3'" ? ? ? 1_555 B OMC 9 P  ? ? B A2M 8   B OMC 9   1_555 ? ? ? ? ? ? ?            1.606 ? ? 
metalc1  metalc ?    ? A DG  8 N7    ? ? ? 1_555 C ZN  . ZN ? ? A DG  8   A ZN  101 1_555 ? ? ? ? ? ? ?            2.192 ? ? 
metalc2  metalc ?    ? C ZN  . ZN    ? ? ? 1_555 F HOH . O  ? ? A ZN  101 A HOH 203 1_555 ? ? ? ? ? ? ?            2.252 ? ? 
metalc3  metalc ?    ? C ZN  . ZN    ? ? ? 1_555 F HOH . O  ? ? A ZN  101 A HOH 225 1_555 ? ? ? ? ? ? ?            2.171 ? ? 
metalc4  metalc ?    ? C ZN  . ZN    ? ? ? 1_555 F HOH . O  ? ? A ZN  101 A HOH 230 1_555 ? ? ? ? ? ? ?            2.096 ? ? 
metalc5  metalc ?    ? C ZN  . ZN    ? ? ? 1_555 F HOH . O  ? ? A ZN  101 A HOH 233 1_555 ? ? ? ? ? ? ?            2.142 ? ? 
metalc6  metalc ?    ? C ZN  . ZN    ? ? ? 1_555 F HOH . O  ? ? A ZN  101 A HOH 244 1_555 ? ? ? ? ? ? ?            2.145 ? ? 
metalc7  metalc ?    ? B OMG 4 N7    ? ? ? 1_555 D ZN  . ZN ? ? B OMG 4   B ZN  101 1_555 ? ? ? ? ? ? ?            2.251 ? ? 
metalc8  metalc ?    ? B OMG 7 N7    ? ? ? 1_555 E ZN  . ZN ? ? B OMG 7   B ZN  102 1_555 ? ? ? ? ? ? ?            2.282 ? ? 
metalc9  metalc ?    ? D ZN  . ZN    ? ? ? 1_555 G HOH . O  ? ? B ZN  101 B HOH 203 1_555 ? ? ? ? ? ? ?            2.159 ? ? 
metalc10 metalc ?    ? D ZN  . ZN    ? ? ? 1_555 G HOH . O  ? ? B ZN  101 B HOH 210 1_555 ? ? ? ? ? ? ?            2.178 ? ? 
metalc11 metalc ?    ? D ZN  . ZN    ? ? ? 1_555 G HOH . O  ? ? B ZN  101 B HOH 226 1_555 ? ? ? ? ? ? ?            2.176 ? ? 
metalc12 metalc ?    ? D ZN  . ZN    ? ? ? 1_555 G HOH . O  ? ? B ZN  101 B HOH 234 1_555 ? ? ? ? ? ? ?            2.229 ? ? 
metalc13 metalc ?    ? D ZN  . ZN    ? ? ? 1_555 G HOH . O  ? ? B ZN  101 B HOH 243 1_555 ? ? ? ? ? ? ?            2.287 ? ? 
metalc14 metalc ?    ? E ZN  . ZN    ? ? ? 1_555 G HOH . O  ? ? B ZN  102 B HOH 214 1_555 ? ? ? ? ? ? ?            2.243 ? ? 
metalc15 metalc ?    ? E ZN  . ZN    ? ? ? 1_555 G HOH . O  ? ? B ZN  102 B HOH 219 1_555 ? ? ? ? ? ? ?            2.055 ? ? 
metalc16 metalc ?    ? E ZN  . ZN    ? ? ? 1_555 G HOH . O  ? ? B ZN  102 B HOH 222 1_555 ? ? ? ? ? ? ?            2.066 ? ? 
metalc17 metalc ?    ? E ZN  . ZN    ? ? ? 1_555 G HOH . O  ? ? B ZN  102 B HOH 240 1_555 ? ? ? ? ? ? ?            2.341 ? ? 
hydrog1  hydrog ?    ? A DT  1 N3    ? ? ? 1_555 B A2M 8 N1 ? ? A DT  1   B A2M 8   1_555 ? ? ? ? ? ? WATSON-CRICK ?     ? ? 
hydrog2  hydrog ?    ? A DT  1 O4    ? ? ? 1_555 B A2M 8 N6 ? ? A DT  1   B A2M 8   1_555 ? ? ? ? ? ? WATSON-CRICK ?     ? ? 
hydrog3  hydrog ?    ? A DC  2 N3    ? ? ? 1_555 B OMG 7 N1 ? ? A DC  2   B OMG 7   1_555 ? ? ? ? ? ? WATSON-CRICK ?     ? ? 
hydrog4  hydrog ?    ? A DC  2 N4    ? ? ? 1_555 B OMG 7 O6 ? ? A DC  2   B OMG 7   1_555 ? ? ? ? ? ? WATSON-CRICK ?     ? ? 
hydrog5  hydrog ?    ? A DC  2 O2    ? ? ? 1_555 B OMG 7 N2 ? ? A DC  2   B OMG 7   1_555 ? ? ? ? ? ? WATSON-CRICK ?     ? ? 
hydrog6  hydrog ?    ? A DT  3 N3    ? ? ? 1_555 B A2M 6 N1 ? ? A DT  3   B A2M 6   1_555 ? ? ? ? ? ? WATSON-CRICK ?     ? ? 
hydrog7  hydrog ?    ? A DT  3 O4    ? ? ? 1_555 B A2M 6 N6 ? ? A DT  3   B A2M 6   1_555 ? ? ? ? ? ? WATSON-CRICK ?     ? ? 
hydrog8  hydrog ?    ? A DC  4 N3    ? ? ? 1_555 B OMG 5 N1 ? ? A DC  4   B OMG 5   1_555 ? ? ? ? ? ? WATSON-CRICK ?     ? ? 
hydrog9  hydrog ?    ? A DC  4 N4    ? ? ? 1_555 B OMG 5 O6 ? ? A DC  4   B OMG 5   1_555 ? ? ? ? ? ? WATSON-CRICK ?     ? ? 
hydrog10 hydrog ?    ? A DC  4 O2    ? ? ? 1_555 B OMG 5 N2 ? ? A DC  4   B OMG 5   1_555 ? ? ? ? ? ? WATSON-CRICK ?     ? ? 
hydrog11 hydrog ?    ? A DC  5 N3    ? ? ? 1_555 B OMG 4 N1 ? ? A DC  5   B OMG 4   1_555 ? ? ? ? ? ? WATSON-CRICK ?     ? ? 
hydrog12 hydrog ?    ? A DC  5 N4    ? ? ? 1_555 B OMG 4 O6 ? ? A DC  5   B OMG 4   1_555 ? ? ? ? ? ? WATSON-CRICK ?     ? ? 
hydrog13 hydrog ?    ? A DC  5 O2    ? ? ? 1_555 B OMG 4 N2 ? ? A DC  5   B OMG 4   1_555 ? ? ? ? ? ? WATSON-CRICK ?     ? ? 
hydrog14 hydrog ?    ? A DT  6 N3    ? ? ? 1_555 B A2M 3 N1 ? ? A DT  6   B A2M 3   1_555 ? ? ? ? ? ? WATSON-CRICK ?     ? ? 
hydrog15 hydrog ?    ? A DT  6 O4    ? ? ? 1_555 B A2M 3 N6 ? ? A DT  6   B A2M 3   1_555 ? ? ? ? ? ? WATSON-CRICK ?     ? ? 
hydrog16 hydrog ?    ? A DA  7 N1    ? ? ? 1_555 B OMU 2 N3 ? ? A DA  7   B OMU 2   1_555 ? ? ? ? ? ? WATSON-CRICK ?     ? ? 
hydrog17 hydrog ?    ? A DA  7 N6    ? ? ? 1_555 B OMU 2 O4 ? ? A DA  7   B OMU 2   1_555 ? ? ? ? ? ? WATSON-CRICK ?     ? ? 
hydrog18 hydrog ?    ? A DG  8 N1    ? ? ? 1_555 B OMC 1 N3 ? ? A DG  8   B OMC 1   1_555 ? ? ? ? ? ? WATSON-CRICK ?     ? ? 
hydrog19 hydrog ?    ? A DG  8 N2    ? ? ? 1_555 B OMC 1 O2 ? ? A DG  8   B OMC 1   1_555 ? ? ? ? ? ? WATSON-CRICK ?     ? ? 
hydrog20 hydrog ?    ? A DG  8 O6    ? ? ? 1_555 B OMC 1 N4 ? ? A DG  8   B OMC 1   1_555 ? ? ? ? ? ? WATSON-CRICK ?     ? ? 
# 
loop_
_struct_conn_type.id 
_struct_conn_type.criteria 
_struct_conn_type.reference 
covale ? ? 
metalc ? ? 
hydrog ? ? 
# 
loop_
_pdbx_struct_conn_angle.id 
_pdbx_struct_conn_angle.ptnr1_label_atom_id 
_pdbx_struct_conn_angle.ptnr1_label_alt_id 
_pdbx_struct_conn_angle.ptnr1_label_asym_id 
_pdbx_struct_conn_angle.ptnr1_label_comp_id 
_pdbx_struct_conn_angle.ptnr1_label_seq_id 
_pdbx_struct_conn_angle.ptnr1_auth_atom_id 
_pdbx_struct_conn_angle.ptnr1_auth_asym_id 
_pdbx_struct_conn_angle.ptnr1_auth_comp_id 
_pdbx_struct_conn_angle.ptnr1_auth_seq_id 
_pdbx_struct_conn_angle.ptnr1_PDB_ins_code 
_pdbx_struct_conn_angle.ptnr1_symmetry 
_pdbx_struct_conn_angle.ptnr2_label_atom_id 
_pdbx_struct_conn_angle.ptnr2_label_alt_id 
_pdbx_struct_conn_angle.ptnr2_label_asym_id 
_pdbx_struct_conn_angle.ptnr2_label_comp_id 
_pdbx_struct_conn_angle.ptnr2_label_seq_id 
_pdbx_struct_conn_angle.ptnr2_auth_atom_id 
_pdbx_struct_conn_angle.ptnr2_auth_asym_id 
_pdbx_struct_conn_angle.ptnr2_auth_comp_id 
_pdbx_struct_conn_angle.ptnr2_auth_seq_id 
_pdbx_struct_conn_angle.ptnr2_PDB_ins_code 
_pdbx_struct_conn_angle.ptnr2_symmetry 
_pdbx_struct_conn_angle.ptnr3_label_atom_id 
_pdbx_struct_conn_angle.ptnr3_label_alt_id 
_pdbx_struct_conn_angle.ptnr3_label_asym_id 
_pdbx_struct_conn_angle.ptnr3_label_comp_id 
_pdbx_struct_conn_angle.ptnr3_label_seq_id 
_pdbx_struct_conn_angle.ptnr3_auth_atom_id 
_pdbx_struct_conn_angle.ptnr3_auth_asym_id 
_pdbx_struct_conn_angle.ptnr3_auth_comp_id 
_pdbx_struct_conn_angle.ptnr3_auth_seq_id 
_pdbx_struct_conn_angle.ptnr3_PDB_ins_code 
_pdbx_struct_conn_angle.ptnr3_symmetry 
_pdbx_struct_conn_angle.value 
_pdbx_struct_conn_angle.value_esd 
1  N7 ? A DG  8 ? A DG  8   ? 1_555 ZN ? C ZN . ? A ZN 101 ? 1_555 O ? F HOH . ? A HOH 203 ? 1_555 86.4  ? 
2  N7 ? A DG  8 ? A DG  8   ? 1_555 ZN ? C ZN . ? A ZN 101 ? 1_555 O ? F HOH . ? A HOH 225 ? 1_555 87.5  ? 
3  O  ? F HOH . ? A HOH 203 ? 1_555 ZN ? C ZN . ? A ZN 101 ? 1_555 O ? F HOH . ? A HOH 225 ? 1_555 97.0  ? 
4  N7 ? A DG  8 ? A DG  8   ? 1_555 ZN ? C ZN . ? A ZN 101 ? 1_555 O ? F HOH . ? A HOH 230 ? 1_555 97.0  ? 
5  O  ? F HOH . ? A HOH 203 ? 1_555 ZN ? C ZN . ? A ZN 101 ? 1_555 O ? F HOH . ? A HOH 230 ? 1_555 88.8  ? 
6  O  ? F HOH . ? A HOH 225 ? 1_555 ZN ? C ZN . ? A ZN 101 ? 1_555 O ? F HOH . ? A HOH 230 ? 1_555 173.0 ? 
7  N7 ? A DG  8 ? A DG  8   ? 1_555 ZN ? C ZN . ? A ZN 101 ? 1_555 O ? F HOH . ? A HOH 233 ? 1_555 96.3  ? 
8  O  ? F HOH . ? A HOH 203 ? 1_555 ZN ? C ZN . ? A ZN 101 ? 1_555 O ? F HOH . ? A HOH 233 ? 1_555 175.8 ? 
9  O  ? F HOH . ? A HOH 225 ? 1_555 ZN ? C ZN . ? A ZN 101 ? 1_555 O ? F HOH . ? A HOH 233 ? 1_555 86.4  ? 
10 O  ? F HOH . ? A HOH 230 ? 1_555 ZN ? C ZN . ? A ZN 101 ? 1_555 O ? F HOH . ? A HOH 233 ? 1_555 87.7  ? 
11 N7 ? A DG  8 ? A DG  8   ? 1_555 ZN ? C ZN . ? A ZN 101 ? 1_555 O ? F HOH . ? A HOH 244 ? 1_555 175.7 ? 
12 O  ? F HOH . ? A HOH 203 ? 1_555 ZN ? C ZN . ? A ZN 101 ? 1_555 O ? F HOH . ? A HOH 244 ? 1_555 89.5  ? 
13 O  ? F HOH . ? A HOH 225 ? 1_555 ZN ? C ZN . ? A ZN 101 ? 1_555 O ? F HOH . ? A HOH 244 ? 1_555 92.2  ? 
14 O  ? F HOH . ? A HOH 230 ? 1_555 ZN ? C ZN . ? A ZN 101 ? 1_555 O ? F HOH . ? A HOH 244 ? 1_555 83.8  ? 
15 O  ? F HOH . ? A HOH 233 ? 1_555 ZN ? C ZN . ? A ZN 101 ? 1_555 O ? F HOH . ? A HOH 244 ? 1_555 87.9  ? 
16 N7 ? B OMG 4 ? B OMG 4   ? 1_555 ZN ? D ZN . ? B ZN 101 ? 1_555 O ? G HOH . ? B HOH 203 ? 1_555 97.5  ? 
17 N7 ? B OMG 4 ? B OMG 4   ? 1_555 ZN ? D ZN . ? B ZN 101 ? 1_555 O ? G HOH . ? B HOH 210 ? 1_555 90.8  ? 
18 O  ? G HOH . ? B HOH 203 ? 1_555 ZN ? D ZN . ? B ZN 101 ? 1_555 O ? G HOH . ? B HOH 210 ? 1_555 85.1  ? 
19 N7 ? B OMG 4 ? B OMG 4   ? 1_555 ZN ? D ZN . ? B ZN 101 ? 1_555 O ? G HOH . ? B HOH 226 ? 1_555 89.7  ? 
20 O  ? G HOH . ? B HOH 203 ? 1_555 ZN ? D ZN . ? B ZN 101 ? 1_555 O ? G HOH . ? B HOH 226 ? 1_555 172.7 ? 
21 O  ? G HOH . ? B HOH 210 ? 1_555 ZN ? D ZN . ? B ZN 101 ? 1_555 O ? G HOH . ? B HOH 226 ? 1_555 93.5  ? 
22 N7 ? B OMG 4 ? B OMG 4   ? 1_555 ZN ? D ZN . ? B ZN 101 ? 1_555 O ? G HOH . ? B HOH 234 ? 1_555 92.1  ? 
23 O  ? G HOH . ? B HOH 203 ? 1_555 ZN ? D ZN . ? B ZN 101 ? 1_555 O ? G HOH . ? B HOH 234 ? 1_555 104.2 ? 
24 O  ? G HOH . ? B HOH 210 ? 1_555 ZN ? D ZN . ? B ZN 101 ? 1_555 O ? G HOH . ? B HOH 234 ? 1_555 169.8 ? 
25 O  ? G HOH . ? B HOH 226 ? 1_555 ZN ? D ZN . ? B ZN 101 ? 1_555 O ? G HOH . ? B HOH 234 ? 1_555 76.7  ? 
26 N7 ? B OMG 4 ? B OMG 4   ? 1_555 ZN ? D ZN . ? B ZN 101 ? 1_555 O ? G HOH . ? B HOH 243 ? 1_555 176.3 ? 
27 O  ? G HOH . ? B HOH 203 ? 1_555 ZN ? D ZN . ? B ZN 101 ? 1_555 O ? G HOH . ? B HOH 243 ? 1_555 80.4  ? 
28 O  ? G HOH . ? B HOH 210 ? 1_555 ZN ? D ZN . ? B ZN 101 ? 1_555 O ? G HOH . ? B HOH 243 ? 1_555 92.1  ? 
29 O  ? G HOH . ? B HOH 226 ? 1_555 ZN ? D ZN . ? B ZN 101 ? 1_555 O ? G HOH . ? B HOH 243 ? 1_555 92.4  ? 
30 O  ? G HOH . ? B HOH 234 ? 1_555 ZN ? D ZN . ? B ZN 101 ? 1_555 O ? G HOH . ? B HOH 243 ? 1_555 85.4  ? 
31 N7 ? B OMG 7 ? B OMG 7   ? 1_555 ZN ? E ZN . ? B ZN 102 ? 1_555 O ? G HOH . ? B HOH 214 ? 1_555 97.6  ? 
32 N7 ? B OMG 7 ? B OMG 7   ? 1_555 ZN ? E ZN . ? B ZN 102 ? 1_555 O ? G HOH . ? B HOH 219 ? 1_555 101.9 ? 
33 O  ? G HOH . ? B HOH 214 ? 1_555 ZN ? E ZN . ? B ZN 102 ? 1_555 O ? G HOH . ? B HOH 219 ? 1_555 152.9 ? 
34 N7 ? B OMG 7 ? B OMG 7   ? 1_555 ZN ? E ZN . ? B ZN 102 ? 1_555 O ? G HOH . ? B HOH 222 ? 1_555 84.6  ? 
35 O  ? G HOH . ? B HOH 214 ? 1_555 ZN ? E ZN . ? B ZN 102 ? 1_555 O ? G HOH . ? B HOH 222 ? 1_555 93.9  ? 
36 O  ? G HOH . ? B HOH 219 ? 1_555 ZN ? E ZN . ? B ZN 102 ? 1_555 O ? G HOH . ? B HOH 222 ? 1_555 106.4 ? 
37 N7 ? B OMG 7 ? B OMG 7   ? 1_555 ZN ? E ZN . ? B ZN 102 ? 1_555 O ? G HOH . ? B HOH 240 ? 1_555 177.1 ? 
38 O  ? G HOH . ? B HOH 214 ? 1_555 ZN ? E ZN . ? B ZN 102 ? 1_555 O ? G HOH . ? B HOH 240 ? 1_555 85.3  ? 
39 O  ? G HOH . ? B HOH 219 ? 1_555 ZN ? E ZN . ? B ZN 102 ? 1_555 O ? G HOH . ? B HOH 240 ? 1_555 75.3  ? 
40 O  ? G HOH . ? B HOH 222 ? 1_555 ZN ? E ZN . ? B ZN 102 ? 1_555 O ? G HOH . ? B HOH 240 ? 1_555 95.2  ? 
# 
loop_
_pdbx_struct_special_symmetry.id 
_pdbx_struct_special_symmetry.PDB_model_num 
_pdbx_struct_special_symmetry.auth_asym_id 
_pdbx_struct_special_symmetry.auth_comp_id 
_pdbx_struct_special_symmetry.auth_seq_id 
_pdbx_struct_special_symmetry.PDB_ins_code 
_pdbx_struct_special_symmetry.label_asym_id 
_pdbx_struct_special_symmetry.label_comp_id 
_pdbx_struct_special_symmetry.label_seq_id 
1 1 A HOH 236 ? F HOH . 
2 1 B HOH 220 ? G HOH . 
3 1 B HOH 241 ? G HOH . 
# 
loop_
_space_group_symop.id 
_space_group_symop.operation_xyz 
1 x,y,z               
2 -y+1/2,x+1/2,z+3/4  
3 y+1/2,-x+1/2,z+1/4  
4 x+1/2,-y+1/2,-z+1/4 
5 -x+1/2,y+1/2,-z+3/4 
6 -x,-y,z+1/2         
7 y,x,-z              
8 -y,-x,-z+1/2        
# 
_pdbx_entry_details.entry_id                 7OW0 
_pdbx_entry_details.nonpolymer_details       ? 
_pdbx_entry_details.sequence_details         ? 
_pdbx_entry_details.compound_details         ? 
_pdbx_entry_details.source_details           ? 
_pdbx_entry_details.has_ligand_of_interest   Y 
# 
loop_
_chem_comp_atom.comp_id 
_chem_comp_atom.atom_id 
_chem_comp_atom.type_symbol 
_chem_comp_atom.pdbx_aromatic_flag 
_chem_comp_atom.pdbx_stereo_config 
_chem_comp_atom.pdbx_ordinal 
A2M P      P  N N 1   
A2M OP1    O  N N 2   
A2M OP3    O  N N 3   
A2M "O5'"  O  N N 4   
A2M "C5'"  C  N N 5   
A2M "C4'"  C  N R 6   
A2M "O4'"  O  N N 7   
A2M "C3'"  C  N R 8   
A2M "O3'"  O  N N 9   
A2M "C2'"  C  N R 10  
A2M "O2'"  O  N N 11  
A2M "C1'"  C  N R 12  
A2M "CM'"  C  N N 13  
A2M N9     N  Y N 14  
A2M C8     C  Y N 15  
A2M N7     N  Y N 16  
A2M C5     C  Y N 17  
A2M C6     C  Y N 18  
A2M N6     N  N N 19  
A2M N1     N  Y N 20  
A2M C2     C  Y N 21  
A2M N3     N  Y N 22  
A2M C4     C  Y N 23  
A2M HOP3   H  N N 24  
A2M "H5'"  H  N N 25  
A2M "H5''" H  N N 26  
A2M "H4'"  H  N N 27  
A2M "H3'"  H  N N 28  
A2M "HO3'" H  N N 29  
A2M "H2'"  H  N N 30  
A2M "H1'"  H  N N 31  
A2M "HM'1" H  N N 32  
A2M "HM'2" H  N N 33  
A2M "HM'3" H  N N 34  
A2M H8     H  N N 35  
A2M H61    H  N N 36  
A2M H62    H  N N 37  
A2M H2     H  N N 38  
A2M OP2    O  N N 39  
A2M HOP2   H  N N 40  
DA  OP3    O  N N 41  
DA  P      P  N N 42  
DA  OP1    O  N N 43  
DA  OP2    O  N N 44  
DA  "O5'"  O  N N 45  
DA  "C5'"  C  N N 46  
DA  "C4'"  C  N R 47  
DA  "O4'"  O  N N 48  
DA  "C3'"  C  N S 49  
DA  "O3'"  O  N N 50  
DA  "C2'"  C  N N 51  
DA  "C1'"  C  N R 52  
DA  N9     N  Y N 53  
DA  C8     C  Y N 54  
DA  N7     N  Y N 55  
DA  C5     C  Y N 56  
DA  C6     C  Y N 57  
DA  N6     N  N N 58  
DA  N1     N  Y N 59  
DA  C2     C  Y N 60  
DA  N3     N  Y N 61  
DA  C4     C  Y N 62  
DA  HOP3   H  N N 63  
DA  HOP2   H  N N 64  
DA  "H5'"  H  N N 65  
DA  "H5''" H  N N 66  
DA  "H4'"  H  N N 67  
DA  "H3'"  H  N N 68  
DA  "HO3'" H  N N 69  
DA  "H2'"  H  N N 70  
DA  "H2''" H  N N 71  
DA  "H1'"  H  N N 72  
DA  H8     H  N N 73  
DA  H61    H  N N 74  
DA  H62    H  N N 75  
DA  H2     H  N N 76  
DC  OP3    O  N N 77  
DC  P      P  N N 78  
DC  OP1    O  N N 79  
DC  OP2    O  N N 80  
DC  "O5'"  O  N N 81  
DC  "C5'"  C  N N 82  
DC  "C4'"  C  N R 83  
DC  "O4'"  O  N N 84  
DC  "C3'"  C  N S 85  
DC  "O3'"  O  N N 86  
DC  "C2'"  C  N N 87  
DC  "C1'"  C  N R 88  
DC  N1     N  N N 89  
DC  C2     C  N N 90  
DC  O2     O  N N 91  
DC  N3     N  N N 92  
DC  C4     C  N N 93  
DC  N4     N  N N 94  
DC  C5     C  N N 95  
DC  C6     C  N N 96  
DC  HOP3   H  N N 97  
DC  HOP2   H  N N 98  
DC  "H5'"  H  N N 99  
DC  "H5''" H  N N 100 
DC  "H4'"  H  N N 101 
DC  "H3'"  H  N N 102 
DC  "HO3'" H  N N 103 
DC  "H2'"  H  N N 104 
DC  "H2''" H  N N 105 
DC  "H1'"  H  N N 106 
DC  H41    H  N N 107 
DC  H42    H  N N 108 
DC  H5     H  N N 109 
DC  H6     H  N N 110 
DG  OP3    O  N N 111 
DG  P      P  N N 112 
DG  OP1    O  N N 113 
DG  OP2    O  N N 114 
DG  "O5'"  O  N N 115 
DG  "C5'"  C  N N 116 
DG  "C4'"  C  N R 117 
DG  "O4'"  O  N N 118 
DG  "C3'"  C  N S 119 
DG  "O3'"  O  N N 120 
DG  "C2'"  C  N N 121 
DG  "C1'"  C  N R 122 
DG  N9     N  Y N 123 
DG  C8     C  Y N 124 
DG  N7     N  Y N 125 
DG  C5     C  Y N 126 
DG  C6     C  N N 127 
DG  O6     O  N N 128 
DG  N1     N  N N 129 
DG  C2     C  N N 130 
DG  N2     N  N N 131 
DG  N3     N  N N 132 
DG  C4     C  Y N 133 
DG  HOP3   H  N N 134 
DG  HOP2   H  N N 135 
DG  "H5'"  H  N N 136 
DG  "H5''" H  N N 137 
DG  "H4'"  H  N N 138 
DG  "H3'"  H  N N 139 
DG  "HO3'" H  N N 140 
DG  "H2'"  H  N N 141 
DG  "H2''" H  N N 142 
DG  "H1'"  H  N N 143 
DG  H8     H  N N 144 
DG  H1     H  N N 145 
DG  H21    H  N N 146 
DG  H22    H  N N 147 
DT  OP3    O  N N 148 
DT  P      P  N N 149 
DT  OP1    O  N N 150 
DT  OP2    O  N N 151 
DT  "O5'"  O  N N 152 
DT  "C5'"  C  N N 153 
DT  "C4'"  C  N R 154 
DT  "O4'"  O  N N 155 
DT  "C3'"  C  N S 156 
DT  "O3'"  O  N N 157 
DT  "C2'"  C  N N 158 
DT  "C1'"  C  N R 159 
DT  N1     N  N N 160 
DT  C2     C  N N 161 
DT  O2     O  N N 162 
DT  N3     N  N N 163 
DT  C4     C  N N 164 
DT  O4     O  N N 165 
DT  C5     C  N N 166 
DT  C7     C  N N 167 
DT  C6     C  N N 168 
DT  HOP3   H  N N 169 
DT  HOP2   H  N N 170 
DT  "H5'"  H  N N 171 
DT  "H5''" H  N N 172 
DT  "H4'"  H  N N 173 
DT  "H3'"  H  N N 174 
DT  "HO3'" H  N N 175 
DT  "H2'"  H  N N 176 
DT  "H2''" H  N N 177 
DT  "H1'"  H  N N 178 
DT  H3     H  N N 179 
DT  H71    H  N N 180 
DT  H72    H  N N 181 
DT  H73    H  N N 182 
DT  H6     H  N N 183 
HOH O      O  N N 184 
HOH H1     H  N N 185 
HOH H2     H  N N 186 
OMC N1     N  N N 187 
OMC C2     C  N N 188 
OMC N3     N  N N 189 
OMC C4     C  N N 190 
OMC C5     C  N N 191 
OMC C6     C  N N 192 
OMC O2     O  N N 193 
OMC N4     N  N N 194 
OMC "C1'"  C  N R 195 
OMC "C2'"  C  N R 196 
OMC "O2'"  O  N N 197 
OMC CM2    C  N N 198 
OMC "C3'"  C  N R 199 
OMC "C4'"  C  N R 200 
OMC "O4'"  O  N N 201 
OMC "O3'"  O  N N 202 
OMC "C5'"  C  N N 203 
OMC "O5'"  O  N N 204 
OMC P      P  N N 205 
OMC OP1    O  N N 206 
OMC OP2    O  N N 207 
OMC OP3    O  N N 208 
OMC H5     H  N N 209 
OMC H6     H  N N 210 
OMC HN41   H  N N 211 
OMC HN42   H  N N 212 
OMC "H1'"  H  N N 213 
OMC "H2'"  H  N N 214 
OMC HM21   H  N N 215 
OMC HM22   H  N N 216 
OMC HM23   H  N N 217 
OMC "H3'"  H  N N 218 
OMC "H4'"  H  N N 219 
OMC "HO3'" H  N N 220 
OMC "H5'"  H  N N 221 
OMC "H5''" H  N N 222 
OMC HOP2   H  N N 223 
OMC HOP3   H  N N 224 
OMG P      P  N N 225 
OMG OP1    O  N N 226 
OMG OP2    O  N N 227 
OMG OP3    O  N N 228 
OMG "O5'"  O  N N 229 
OMG "C5'"  C  N N 230 
OMG "C4'"  C  N R 231 
OMG "O4'"  O  N N 232 
OMG "C3'"  C  N R 233 
OMG "O3'"  O  N N 234 
OMG "C2'"  C  N R 235 
OMG "O2'"  O  N N 236 
OMG CM2    C  N N 237 
OMG "C1'"  C  N R 238 
OMG N9     N  Y N 239 
OMG C8     C  Y N 240 
OMG N7     N  Y N 241 
OMG C5     C  Y N 242 
OMG C6     C  N N 243 
OMG O6     O  N N 244 
OMG N1     N  N N 245 
OMG C2     C  N N 246 
OMG N2     N  N N 247 
OMG N3     N  N N 248 
OMG C4     C  Y N 249 
OMG HOP2   H  N N 250 
OMG HOP3   H  N N 251 
OMG "H5'"  H  N N 252 
OMG "H5''" H  N N 253 
OMG "H4'"  H  N N 254 
OMG "H3'"  H  N N 255 
OMG "HO3'" H  N N 256 
OMG "H2'"  H  N N 257 
OMG HM21   H  N N 258 
OMG HM22   H  N N 259 
OMG HM23   H  N N 260 
OMG "H1'"  H  N N 261 
OMG H8     H  N N 262 
OMG HN1    H  N N 263 
OMG HN21   H  N N 264 
OMG HN22   H  N N 265 
OMU N1     N  N N 266 
OMU C2     C  N N 267 
OMU N3     N  N N 268 
OMU C4     C  N N 269 
OMU C5     C  N N 270 
OMU C6     C  N N 271 
OMU O2     O  N N 272 
OMU O4     O  N N 273 
OMU "C1'"  C  N R 274 
OMU "C2'"  C  N R 275 
OMU "O2'"  O  N N 276 
OMU CM2    C  N N 277 
OMU "C3'"  C  N R 278 
OMU "C4'"  C  N R 279 
OMU "O3'"  O  N N 280 
OMU "O4'"  O  N N 281 
OMU "C5'"  C  N N 282 
OMU "O5'"  O  N N 283 
OMU P      P  N N 284 
OMU OP1    O  N N 285 
OMU OP2    O  N N 286 
OMU OP3    O  N N 287 
OMU HN3    H  N N 288 
OMU H5     H  N N 289 
OMU H6     H  N N 290 
OMU "H1'"  H  N N 291 
OMU "H2'"  H  N N 292 
OMU HM21   H  N N 293 
OMU HM22   H  N N 294 
OMU HM23   H  N N 295 
OMU "H3'"  H  N N 296 
OMU "H4'"  H  N N 297 
OMU "HO3'" H  N N 298 
OMU "H5'"  H  N N 299 
OMU "H5''" H  N N 300 
OMU HOP2   H  N N 301 
OMU HOP3   H  N N 302 
ZN  ZN     ZN N N 303 
# 
loop_
_chem_comp_bond.comp_id 
_chem_comp_bond.atom_id_1 
_chem_comp_bond.atom_id_2 
_chem_comp_bond.value_order 
_chem_comp_bond.pdbx_aromatic_flag 
_chem_comp_bond.pdbx_stereo_config 
_chem_comp_bond.pdbx_ordinal 
A2M P     OP1    doub N N 1   
A2M P     OP3    sing N N 2   
A2M P     "O5'"  sing N N 3   
A2M OP3   HOP3   sing N N 4   
A2M "O5'" "C5'"  sing N N 5   
A2M "C5'" "C4'"  sing N N 6   
A2M "C5'" "H5'"  sing N N 7   
A2M "C5'" "H5''" sing N N 8   
A2M "C4'" "O4'"  sing N N 9   
A2M "C4'" "C3'"  sing N N 10  
A2M "C4'" "H4'"  sing N N 11  
A2M "O4'" "C1'"  sing N N 12  
A2M "C3'" "O3'"  sing N N 13  
A2M "C3'" "C2'"  sing N N 14  
A2M "C3'" "H3'"  sing N N 15  
A2M "O3'" "HO3'" sing N N 16  
A2M "C2'" "O2'"  sing N N 17  
A2M "C2'" "C1'"  sing N N 18  
A2M "C2'" "H2'"  sing N N 19  
A2M "O2'" "CM'"  sing N N 20  
A2M "C1'" N9     sing N N 21  
A2M "C1'" "H1'"  sing N N 22  
A2M "CM'" "HM'1" sing N N 23  
A2M "CM'" "HM'2" sing N N 24  
A2M "CM'" "HM'3" sing N N 25  
A2M N9    C8     sing Y N 26  
A2M N9    C4     sing Y N 27  
A2M C8    N7     doub Y N 28  
A2M C8    H8     sing N N 29  
A2M N7    C5     sing Y N 30  
A2M C5    C6     sing Y N 31  
A2M C5    C4     doub Y N 32  
A2M C6    N6     sing N N 33  
A2M C6    N1     doub Y N 34  
A2M N6    H61    sing N N 35  
A2M N6    H62    sing N N 36  
A2M N1    C2     sing Y N 37  
A2M C2    N3     doub Y N 38  
A2M C2    H2     sing N N 39  
A2M N3    C4     sing Y N 40  
A2M P     OP2    sing N N 41  
A2M OP2   HOP2   sing N N 42  
DA  OP3   P      sing N N 43  
DA  OP3   HOP3   sing N N 44  
DA  P     OP1    doub N N 45  
DA  P     OP2    sing N N 46  
DA  P     "O5'"  sing N N 47  
DA  OP2   HOP2   sing N N 48  
DA  "O5'" "C5'"  sing N N 49  
DA  "C5'" "C4'"  sing N N 50  
DA  "C5'" "H5'"  sing N N 51  
DA  "C5'" "H5''" sing N N 52  
DA  "C4'" "O4'"  sing N N 53  
DA  "C4'" "C3'"  sing N N 54  
DA  "C4'" "H4'"  sing N N 55  
DA  "O4'" "C1'"  sing N N 56  
DA  "C3'" "O3'"  sing N N 57  
DA  "C3'" "C2'"  sing N N 58  
DA  "C3'" "H3'"  sing N N 59  
DA  "O3'" "HO3'" sing N N 60  
DA  "C2'" "C1'"  sing N N 61  
DA  "C2'" "H2'"  sing N N 62  
DA  "C2'" "H2''" sing N N 63  
DA  "C1'" N9     sing N N 64  
DA  "C1'" "H1'"  sing N N 65  
DA  N9    C8     sing Y N 66  
DA  N9    C4     sing Y N 67  
DA  C8    N7     doub Y N 68  
DA  C8    H8     sing N N 69  
DA  N7    C5     sing Y N 70  
DA  C5    C6     sing Y N 71  
DA  C5    C4     doub Y N 72  
DA  C6    N6     sing N N 73  
DA  C6    N1     doub Y N 74  
DA  N6    H61    sing N N 75  
DA  N6    H62    sing N N 76  
DA  N1    C2     sing Y N 77  
DA  C2    N3     doub Y N 78  
DA  C2    H2     sing N N 79  
DA  N3    C4     sing Y N 80  
DC  OP3   P      sing N N 81  
DC  OP3   HOP3   sing N N 82  
DC  P     OP1    doub N N 83  
DC  P     OP2    sing N N 84  
DC  P     "O5'"  sing N N 85  
DC  OP2   HOP2   sing N N 86  
DC  "O5'" "C5'"  sing N N 87  
DC  "C5'" "C4'"  sing N N 88  
DC  "C5'" "H5'"  sing N N 89  
DC  "C5'" "H5''" sing N N 90  
DC  "C4'" "O4'"  sing N N 91  
DC  "C4'" "C3'"  sing N N 92  
DC  "C4'" "H4'"  sing N N 93  
DC  "O4'" "C1'"  sing N N 94  
DC  "C3'" "O3'"  sing N N 95  
DC  "C3'" "C2'"  sing N N 96  
DC  "C3'" "H3'"  sing N N 97  
DC  "O3'" "HO3'" sing N N 98  
DC  "C2'" "C1'"  sing N N 99  
DC  "C2'" "H2'"  sing N N 100 
DC  "C2'" "H2''" sing N N 101 
DC  "C1'" N1     sing N N 102 
DC  "C1'" "H1'"  sing N N 103 
DC  N1    C2     sing N N 104 
DC  N1    C6     sing N N 105 
DC  C2    O2     doub N N 106 
DC  C2    N3     sing N N 107 
DC  N3    C4     doub N N 108 
DC  C4    N4     sing N N 109 
DC  C4    C5     sing N N 110 
DC  N4    H41    sing N N 111 
DC  N4    H42    sing N N 112 
DC  C5    C6     doub N N 113 
DC  C5    H5     sing N N 114 
DC  C6    H6     sing N N 115 
DG  OP3   P      sing N N 116 
DG  OP3   HOP3   sing N N 117 
DG  P     OP1    doub N N 118 
DG  P     OP2    sing N N 119 
DG  P     "O5'"  sing N N 120 
DG  OP2   HOP2   sing N N 121 
DG  "O5'" "C5'"  sing N N 122 
DG  "C5'" "C4'"  sing N N 123 
DG  "C5'" "H5'"  sing N N 124 
DG  "C5'" "H5''" sing N N 125 
DG  "C4'" "O4'"  sing N N 126 
DG  "C4'" "C3'"  sing N N 127 
DG  "C4'" "H4'"  sing N N 128 
DG  "O4'" "C1'"  sing N N 129 
DG  "C3'" "O3'"  sing N N 130 
DG  "C3'" "C2'"  sing N N 131 
DG  "C3'" "H3'"  sing N N 132 
DG  "O3'" "HO3'" sing N N 133 
DG  "C2'" "C1'"  sing N N 134 
DG  "C2'" "H2'"  sing N N 135 
DG  "C2'" "H2''" sing N N 136 
DG  "C1'" N9     sing N N 137 
DG  "C1'" "H1'"  sing N N 138 
DG  N9    C8     sing Y N 139 
DG  N9    C4     sing Y N 140 
DG  C8    N7     doub Y N 141 
DG  C8    H8     sing N N 142 
DG  N7    C5     sing Y N 143 
DG  C5    C6     sing N N 144 
DG  C5    C4     doub Y N 145 
DG  C6    O6     doub N N 146 
DG  C6    N1     sing N N 147 
DG  N1    C2     sing N N 148 
DG  N1    H1     sing N N 149 
DG  C2    N2     sing N N 150 
DG  C2    N3     doub N N 151 
DG  N2    H21    sing N N 152 
DG  N2    H22    sing N N 153 
DG  N3    C4     sing N N 154 
DT  OP3   P      sing N N 155 
DT  OP3   HOP3   sing N N 156 
DT  P     OP1    doub N N 157 
DT  P     OP2    sing N N 158 
DT  P     "O5'"  sing N N 159 
DT  OP2   HOP2   sing N N 160 
DT  "O5'" "C5'"  sing N N 161 
DT  "C5'" "C4'"  sing N N 162 
DT  "C5'" "H5'"  sing N N 163 
DT  "C5'" "H5''" sing N N 164 
DT  "C4'" "O4'"  sing N N 165 
DT  "C4'" "C3'"  sing N N 166 
DT  "C4'" "H4'"  sing N N 167 
DT  "O4'" "C1'"  sing N N 168 
DT  "C3'" "O3'"  sing N N 169 
DT  "C3'" "C2'"  sing N N 170 
DT  "C3'" "H3'"  sing N N 171 
DT  "O3'" "HO3'" sing N N 172 
DT  "C2'" "C1'"  sing N N 173 
DT  "C2'" "H2'"  sing N N 174 
DT  "C2'" "H2''" sing N N 175 
DT  "C1'" N1     sing N N 176 
DT  "C1'" "H1'"  sing N N 177 
DT  N1    C2     sing N N 178 
DT  N1    C6     sing N N 179 
DT  C2    O2     doub N N 180 
DT  C2    N3     sing N N 181 
DT  N3    C4     sing N N 182 
DT  N3    H3     sing N N 183 
DT  C4    O4     doub N N 184 
DT  C4    C5     sing N N 185 
DT  C5    C7     sing N N 186 
DT  C5    C6     doub N N 187 
DT  C7    H71    sing N N 188 
DT  C7    H72    sing N N 189 
DT  C7    H73    sing N N 190 
DT  C6    H6     sing N N 191 
HOH O     H1     sing N N 192 
HOH O     H2     sing N N 193 
OMC N1    C2     sing N N 194 
OMC N1    C6     sing N N 195 
OMC N1    "C1'"  sing N N 196 
OMC C2    N3     sing N N 197 
OMC C2    O2     doub N N 198 
OMC N3    C4     doub N N 199 
OMC C4    C5     sing N N 200 
OMC C4    N4     sing N N 201 
OMC C5    C6     doub N N 202 
OMC C5    H5     sing N N 203 
OMC C6    H6     sing N N 204 
OMC N4    HN41   sing N N 205 
OMC N4    HN42   sing N N 206 
OMC "C1'" "C2'"  sing N N 207 
OMC "C1'" "O4'"  sing N N 208 
OMC "C1'" "H1'"  sing N N 209 
OMC "C2'" "O2'"  sing N N 210 
OMC "C2'" "C3'"  sing N N 211 
OMC "C2'" "H2'"  sing N N 212 
OMC "O2'" CM2    sing N N 213 
OMC CM2   HM21   sing N N 214 
OMC CM2   HM22   sing N N 215 
OMC CM2   HM23   sing N N 216 
OMC "C3'" "C4'"  sing N N 217 
OMC "C3'" "O3'"  sing N N 218 
OMC "C3'" "H3'"  sing N N 219 
OMC "C4'" "O4'"  sing N N 220 
OMC "C4'" "C5'"  sing N N 221 
OMC "C4'" "H4'"  sing N N 222 
OMC "O3'" "HO3'" sing N N 223 
OMC "C5'" "O5'"  sing N N 224 
OMC "C5'" "H5'"  sing N N 225 
OMC "C5'" "H5''" sing N N 226 
OMC "O5'" P      sing N N 227 
OMC P     OP1    doub N N 228 
OMC P     OP2    sing N N 229 
OMC P     OP3    sing N N 230 
OMC OP2   HOP2   sing N N 231 
OMC OP3   HOP3   sing N N 232 
OMG P     OP1    doub N N 233 
OMG P     OP2    sing N N 234 
OMG P     OP3    sing N N 235 
OMG P     "O5'"  sing N N 236 
OMG OP2   HOP2   sing N N 237 
OMG OP3   HOP3   sing N N 238 
OMG "O5'" "C5'"  sing N N 239 
OMG "C5'" "C4'"  sing N N 240 
OMG "C5'" "H5'"  sing N N 241 
OMG "C5'" "H5''" sing N N 242 
OMG "C4'" "O4'"  sing N N 243 
OMG "C4'" "C3'"  sing N N 244 
OMG "C4'" "H4'"  sing N N 245 
OMG "O4'" "C1'"  sing N N 246 
OMG "C3'" "O3'"  sing N N 247 
OMG "C3'" "C2'"  sing N N 248 
OMG "C3'" "H3'"  sing N N 249 
OMG "O3'" "HO3'" sing N N 250 
OMG "C2'" "O2'"  sing N N 251 
OMG "C2'" "C1'"  sing N N 252 
OMG "C2'" "H2'"  sing N N 253 
OMG "O2'" CM2    sing N N 254 
OMG CM2   HM21   sing N N 255 
OMG CM2   HM22   sing N N 256 
OMG CM2   HM23   sing N N 257 
OMG "C1'" N9     sing N N 258 
OMG "C1'" "H1'"  sing N N 259 
OMG N9    C8     sing Y N 260 
OMG N9    C4     sing Y N 261 
OMG C8    N7     doub Y N 262 
OMG C8    H8     sing N N 263 
OMG N7    C5     sing Y N 264 
OMG C5    C6     sing N N 265 
OMG C5    C4     doub Y N 266 
OMG C6    O6     doub N N 267 
OMG C6    N1     sing N N 268 
OMG N1    C2     sing N N 269 
OMG N1    HN1    sing N N 270 
OMG C2    N2     sing N N 271 
OMG C2    N3     doub N N 272 
OMG N2    HN21   sing N N 273 
OMG N2    HN22   sing N N 274 
OMG N3    C4     sing N N 275 
OMU N1    C2     sing N N 276 
OMU N1    C6     sing N N 277 
OMU N1    "C1'"  sing N N 278 
OMU C2    N3     sing N N 279 
OMU C2    O2     doub N N 280 
OMU N3    C4     sing N N 281 
OMU N3    HN3    sing N N 282 
OMU C4    C5     sing N N 283 
OMU C4    O4     doub N N 284 
OMU C5    C6     doub N N 285 
OMU C5    H5     sing N N 286 
OMU C6    H6     sing N N 287 
OMU "C1'" "C2'"  sing N N 288 
OMU "C1'" "O4'"  sing N N 289 
OMU "C1'" "H1'"  sing N N 290 
OMU "C2'" "O2'"  sing N N 291 
OMU "C2'" "C3'"  sing N N 292 
OMU "C2'" "H2'"  sing N N 293 
OMU "O2'" CM2    sing N N 294 
OMU CM2   HM21   sing N N 295 
OMU CM2   HM22   sing N N 296 
OMU CM2   HM23   sing N N 297 
OMU "C3'" "C4'"  sing N N 298 
OMU "C3'" "O3'"  sing N N 299 
OMU "C3'" "H3'"  sing N N 300 
OMU "C4'" "O4'"  sing N N 301 
OMU "C4'" "C5'"  sing N N 302 
OMU "C4'" "H4'"  sing N N 303 
OMU "O3'" "HO3'" sing N N 304 
OMU "C5'" "O5'"  sing N N 305 
OMU "C5'" "H5'"  sing N N 306 
OMU "C5'" "H5''" sing N N 307 
OMU "O5'" P      sing N N 308 
OMU P     OP1    doub N N 309 
OMU P     OP2    sing N N 310 
OMU P     OP3    sing N N 311 
OMU OP2   HOP2   sing N N 312 
OMU OP3   HOP3   sing N N 313 
# 
_ndb_struct_conf_na.entry_id   7OW0 
_ndb_struct_conf_na.feature    'a-form double helix' 
# 
loop_
_ndb_struct_na_base_pair.model_number 
_ndb_struct_na_base_pair.i_label_asym_id 
_ndb_struct_na_base_pair.i_label_comp_id 
_ndb_struct_na_base_pair.i_label_seq_id 
_ndb_struct_na_base_pair.i_symmetry 
_ndb_struct_na_base_pair.j_label_asym_id 
_ndb_struct_na_base_pair.j_label_comp_id 
_ndb_struct_na_base_pair.j_label_seq_id 
_ndb_struct_na_base_pair.j_symmetry 
_ndb_struct_na_base_pair.shear 
_ndb_struct_na_base_pair.stretch 
_ndb_struct_na_base_pair.stagger 
_ndb_struct_na_base_pair.buckle 
_ndb_struct_na_base_pair.propeller 
_ndb_struct_na_base_pair.opening 
_ndb_struct_na_base_pair.pair_number 
_ndb_struct_na_base_pair.pair_name 
_ndb_struct_na_base_pair.i_auth_asym_id 
_ndb_struct_na_base_pair.i_auth_seq_id 
_ndb_struct_na_base_pair.i_PDB_ins_code 
_ndb_struct_na_base_pair.j_auth_asym_id 
_ndb_struct_na_base_pair.j_auth_seq_id 
_ndb_struct_na_base_pair.j_PDB_ins_code 
_ndb_struct_na_base_pair.hbond_type_28 
_ndb_struct_na_base_pair.hbond_type_12 
1 A DT 1 1_555 B A2M 8 1_555 -0.247 0.016  -0.333 11.868  -8.701  -8.826 1 A_DT1:A2M8_B A 1 ? B 8 ? 20 1 
1 A DC 2 1_555 B OMG 7 1_555 0.117  -0.110 -0.053 7.776   -7.602  1.713  2 A_DC2:OMG7_B A 2 ? B 7 ? 19 1 
1 A DT 3 1_555 B A2M 6 1_555 0.003  -0.257 -0.348 13.864  -5.998  -1.154 3 A_DT3:A2M6_B A 3 ? B 6 ? 20 1 
1 A DC 4 1_555 B OMG 5 1_555 0.447  -0.179 -0.328 9.642   -9.776  3.471  4 A_DC4:OMG5_B A 4 ? B 5 ? 19 1 
1 A DC 5 1_555 B OMG 4 1_555 0.331  -0.168 -0.019 -0.457  -8.130  3.851  5 A_DC5:OMG4_B A 5 ? B 4 ? 19 1 
1 A DT 6 1_555 B A2M 3 1_555 0.032  -0.116 -0.120 -0.782  -13.242 1.618  6 A_DT6:A2M3_B A 6 ? B 3 ? 20 1 
1 A DA 7 1_555 B OMU 2 1_555 0.190  -0.117 0.308  -5.494  -16.033 -0.183 7 A_DA7:OMU2_B A 7 ? B 2 ? 20 1 
1 A DG 8 1_555 B OMC 1 1_555 -0.214 -0.105 0.230  -12.030 -22.233 -2.269 8 A_DG8:OMC1_B A 8 ? B 1 ? 19 1 
# 
loop_
_ndb_struct_na_base_pair_step.model_number 
_ndb_struct_na_base_pair_step.i_label_asym_id_1 
_ndb_struct_na_base_pair_step.i_label_comp_id_1 
_ndb_struct_na_base_pair_step.i_label_seq_id_1 
_ndb_struct_na_base_pair_step.i_symmetry_1 
_ndb_struct_na_base_pair_step.j_label_asym_id_1 
_ndb_struct_na_base_pair_step.j_label_comp_id_1 
_ndb_struct_na_base_pair_step.j_label_seq_id_1 
_ndb_struct_na_base_pair_step.j_symmetry_1 
_ndb_struct_na_base_pair_step.i_label_asym_id_2 
_ndb_struct_na_base_pair_step.i_label_comp_id_2 
_ndb_struct_na_base_pair_step.i_label_seq_id_2 
_ndb_struct_na_base_pair_step.i_symmetry_2 
_ndb_struct_na_base_pair_step.j_label_asym_id_2 
_ndb_struct_na_base_pair_step.j_label_comp_id_2 
_ndb_struct_na_base_pair_step.j_label_seq_id_2 
_ndb_struct_na_base_pair_step.j_symmetry_2 
_ndb_struct_na_base_pair_step.shift 
_ndb_struct_na_base_pair_step.slide 
_ndb_struct_na_base_pair_step.rise 
_ndb_struct_na_base_pair_step.tilt 
_ndb_struct_na_base_pair_step.roll 
_ndb_struct_na_base_pair_step.twist 
_ndb_struct_na_base_pair_step.x_displacement 
_ndb_struct_na_base_pair_step.y_displacement 
_ndb_struct_na_base_pair_step.helical_rise 
_ndb_struct_na_base_pair_step.inclination 
_ndb_struct_na_base_pair_step.tip 
_ndb_struct_na_base_pair_step.helical_twist 
_ndb_struct_na_base_pair_step.step_number 
_ndb_struct_na_base_pair_step.step_name 
_ndb_struct_na_base_pair_step.i_auth_asym_id_1 
_ndb_struct_na_base_pair_step.i_auth_seq_id_1 
_ndb_struct_na_base_pair_step.i_PDB_ins_code_1 
_ndb_struct_na_base_pair_step.j_auth_asym_id_1 
_ndb_struct_na_base_pair_step.j_auth_seq_id_1 
_ndb_struct_na_base_pair_step.j_PDB_ins_code_1 
_ndb_struct_na_base_pair_step.i_auth_asym_id_2 
_ndb_struct_na_base_pair_step.i_auth_seq_id_2 
_ndb_struct_na_base_pair_step.i_PDB_ins_code_2 
_ndb_struct_na_base_pair_step.j_auth_asym_id_2 
_ndb_struct_na_base_pair_step.j_auth_seq_id_2 
_ndb_struct_na_base_pair_step.j_PDB_ins_code_2 
1 A DT 1 1_555 B A2M 8 1_555 A DC 2 1_555 B OMG 7 1_555 0.739  -1.782 3.489 -3.526 9.454  32.757 -4.491 -1.800 2.790 16.289 6.075  
34.235 1 AA_DT1DC2:OMG7A2M8_BB A 1 ? B 8 ? A 2 ? B 7 ? 
1 A DC 2 1_555 B OMG 7 1_555 A DT 3 1_555 B A2M 6 1_555 -0.775 -1.798 3.179 -1.121 4.766  29.059 -4.485 1.301  2.881 9.414  2.214  
29.460 2 AA_DC2DT3:A2M6OMG7_BB A 2 ? B 7 ? A 3 ? B 6 ? 
1 A DT 3 1_555 B A2M 6 1_555 A DC 4 1_555 B OMG 5 1_555 0.708  -1.584 3.303 1.879  10.715 35.332 -3.875 -0.877 2.756 17.159 -3.009 
36.917 3 AA_DT3DC4:OMG5A2M6_BB A 3 ? B 6 ? A 4 ? B 5 ? 
1 A DC 4 1_555 B OMG 5 1_555 A DC 5 1_555 B OMG 4 1_555 0.360  -2.073 3.458 0.105  9.207  31.235 -5.260 -0.625 2.753 16.651 -0.190 
32.531 4 AA_DC4DC5:OMG4OMG5_BB A 4 ? B 5 ? A 5 ? B 4 ? 
1 A DC 5 1_555 B OMG 4 1_555 A DT 6 1_555 B A2M 3 1_555 -1.550 -2.137 3.230 -0.418 11.307 21.870 -7.929 3.532  1.933 27.556 1.019  
24.592 5 AA_DC5DT6:A2M3OMG4_BB A 5 ? B 4 ? A 6 ? B 3 ? 
1 A DT 6 1_555 B A2M 3 1_555 A DA 7 1_555 B OMU 2 1_555 0.575  -1.467 3.143 -1.293 15.959 34.019 -4.090 -1.042 2.235 25.593 2.074  
37.498 6 AA_DT6DA7:OMU2A2M3_BB A 6 ? B 3 ? A 7 ? B 2 ? 
1 A DA 7 1_555 B OMU 2 1_555 A DG 8 1_555 B OMC 1 1_555 0.027  -1.549 3.385 2.808  5.210  34.866 -3.321 0.370  3.122 8.619  -4.644 
35.350 7 AA_DA7DG8:OMC1OMU2_BB A 7 ? B 2 ? A 8 ? B 1 ? 
# 
loop_
_pdbx_entity_instance_feature.ordinal 
_pdbx_entity_instance_feature.comp_id 
_pdbx_entity_instance_feature.asym_id 
_pdbx_entity_instance_feature.seq_num 
_pdbx_entity_instance_feature.auth_comp_id 
_pdbx_entity_instance_feature.auth_asym_id 
_pdbx_entity_instance_feature.auth_seq_num 
_pdbx_entity_instance_feature.feature_type 
_pdbx_entity_instance_feature.details 
1 ZN  ? ? ZN  ? ? 'SUBJECT OF INVESTIGATION' ? 
2 OMU ? ? OMU ? ? 'SUBJECT OF INVESTIGATION' ? 
3 OMG ? ? OMG ? ? 'SUBJECT OF INVESTIGATION' ? 
4 OMC ? ? OMC ? ? 'SUBJECT OF INVESTIGATION' ? 
5 A2M ? ? A2M ? ? 'SUBJECT OF INVESTIGATION' ? 
# 
_space_group.name_H-M_alt     'P 43 21 2' 
_space_group.name_Hall        'P 4nw 2abw' 
_space_group.IT_number        96 
_space_group.crystal_system   tetragonal 
_space_group.id               1 
# 
_atom_sites.entry_id                    7OW0 
_atom_sites.Cartn_transf_matrix[1][1]   ? 
_atom_sites.Cartn_transf_matrix[1][2]   ? 
_atom_sites.Cartn_transf_matrix[1][3]   ? 
_atom_sites.Cartn_transf_matrix[2][1]   ? 
_atom_sites.Cartn_transf_matrix[2][2]   ? 
_atom_sites.Cartn_transf_matrix[2][3]   ? 
_atom_sites.Cartn_transf_matrix[3][1]   ? 
_atom_sites.Cartn_transf_matrix[3][2]   ? 
_atom_sites.Cartn_transf_matrix[3][3]   ? 
_atom_sites.Cartn_transf_vector[1]      ? 
_atom_sites.Cartn_transf_vector[2]      ? 
_atom_sites.Cartn_transf_vector[3]      ? 
_atom_sites.fract_transf_matrix[1][1]   0.00962558 
_atom_sites.fract_transf_matrix[1][2]   -0.01232174 
_atom_sites.fract_transf_matrix[1][3]   -0.02722673 
_atom_sites.fract_transf_matrix[2][1]   -0.02900258 
_atom_sites.fract_transf_matrix[2][2]   -0.01075150 
_atom_sites.fract_transf_matrix[2][3]   -0.00538769 
_atom_sites.fract_transf_matrix[3][1]   -0.00250504 
_atom_sites.fract_transf_matrix[3][2]   0.00931333 
_atom_sites.fract_transf_matrix[3][3]   -0.00510046 
_atom_sites.fract_transf_vector[1]      -0.438242 
_atom_sites.fract_transf_vector[2]      0.036087 
_atom_sites.fract_transf_vector[3]      0.038457 
_atom_sites.solution_primary            ? 
_atom_sites.solution_secondary          ? 
_atom_sites.solution_hydrogens          ? 
_atom_sites.special_details             ? 
# 
loop_
_atom_type.symbol 
_atom_type.scat_dispersion_real 
_atom_type.scat_dispersion_imag 
_atom_type.scat_Cromer_Mann_a1 
_atom_type.scat_Cromer_Mann_a2 
_atom_type.scat_Cromer_Mann_a3 
_atom_type.scat_Cromer_Mann_a4 
_atom_type.scat_Cromer_Mann_b1 
_atom_type.scat_Cromer_Mann_b2 
_atom_type.scat_Cromer_Mann_b3 
_atom_type.scat_Cromer_Mann_b4 
_atom_type.scat_Cromer_Mann_c 
_atom_type.scat_source 
_atom_type.scat_dispersion_source 
C  ? ? 3.54356  2.42580 ? ? 25.62398 1.50364  ? ? 0.0 
;2-Gaussian fit: Grosse-Kunstleve RW, Sauter NK, Adams PD: Newsletter of the IUCr Commission on Crystallographic Computing 2004, 3, 22-31.
;
? 
N  ? ? 4.01032  2.96436 ? ? 19.97189 1.75589  ? ? 0.0 
;2-Gaussian fit: Grosse-Kunstleve RW, Sauter NK, Adams PD: Newsletter of the IUCr Commission on Crystallographic Computing 2004, 3, 22-31.
;
? 
O  ? ? 4.49882  3.47563 ? ? 15.80542 1.70748  ? ? 0.0 
;2-Gaussian fit: Grosse-Kunstleve RW, Sauter NK, Adams PD: Newsletter of the IUCr Commission on Crystallographic Computing 2004, 3, 22-31.
;
? 
P  ? ? 9.51135  5.44231 ? ? 1.42069  35.72801 ? ? 0.0 
;2-Gaussian fit: Grosse-Kunstleve RW, Sauter NK, Adams PD: Newsletter of the IUCr Commission on Crystallographic Computing 2004, 3, 22-31.
;
? 
ZN ? ? 24.64596 5.25405 ? ? 2.14387  29.76375 ? ? 0.0 
;2-Gaussian fit: Grosse-Kunstleve RW, Sauter NK, Adams PD: Newsletter of the IUCr Commission on Crystallographic Computing 2004, 3, 22-31.
;
? 
# 
loop_
_atom_site.group_PDB 
_atom_site.id 
_atom_site.type_symbol 
_atom_site.label_atom_id 
_atom_site.label_alt_id 
_atom_site.label_comp_id 
_atom_site.label_asym_id 
_atom_site.label_entity_id 
_atom_site.label_seq_id 
_atom_site.pdbx_PDB_ins_code 
_atom_site.Cartn_x 
_atom_site.Cartn_y 
_atom_site.Cartn_z 
_atom_site.occupancy 
_atom_site.B_iso_or_equiv 
_atom_site.pdbx_formal_charge 
_atom_site.auth_seq_id 
_atom_site.auth_comp_id 
_atom_site.auth_asym_id 
_atom_site.auth_atom_id 
_atom_site.pdbx_PDB_model_num 
ATOM   1   O  "O5'" . DT  A 1 1 ? -3.41977  8.39239   7.44477   1.000 28.73205 ? 1   DT  A "O5'" 1 
ATOM   2   C  "C5'" . DT  A 1 1 ? -4.32601  8.63686   8.50841   1.000 24.84522 ? 1   DT  A "C5'" 1 
ATOM   3   C  "C4'" . DT  A 1 1 ? -5.75817  8.40974   8.06126   1.000 23.48893 ? 1   DT  A "C4'" 1 
ATOM   4   O  "O4'" . DT  A 1 1 ? -6.12234  9.39864   7.06467   1.000 21.45458 ? 1   DT  A "O4'" 1 
ATOM   5   C  "C3'" . DT  A 1 1 ? -6.01893  7.08640   7.37019   1.000 24.40843 ? 1   DT  A "C3'" 1 
ATOM   6   O  "O3'" . DT  A 1 1 ? -6.19338  6.04653   8.31845   1.000 23.51646 ? 1   DT  A "O3'" 1 
ATOM   7   C  "C2'" . DT  A 1 1 ? -7.31055  7.39793   6.62675   1.000 20.93400 ? 1   DT  A "C2'" 1 
ATOM   8   C  "C1'" . DT  A 1 1 ? -7.03202  8.81893   6.13687   1.000 21.01239 ? 1   DT  A "C1'" 1 
ATOM   9   N  N1    . DT  A 1 1 ? -6.42689  8.85723   4.77223   1.000 18.65954 ? 1   DT  A N1    1 
ATOM   10  C  C2    . DT  A 1 1 ? -7.24908  8.77679   3.67320   1.000 19.77223 ? 1   DT  A C2    1 
ATOM   11  O  O2    . DT  A 1 1 ? -8.46128  8.68633   3.75181   1.000 18.96327 ? 1   DT  A O2    1 
ATOM   12  N  N3    . DT  A 1 1 ? -6.59956  8.80826   2.46660   1.000 17.87950 ? 1   DT  A N3    1 
ATOM   13  C  C4    . DT  A 1 1 ? -5.23698  8.90867   2.25494   1.000 19.66531 ? 1   DT  A C4    1 
ATOM   14  O  O4    . DT  A 1 1 ? -4.74713  8.93096   1.13043   1.000 20.64665 ? 1   DT  A O4    1 
ATOM   15  C  C5    . DT  A 1 1 ? -4.43029  8.98379   3.44967   1.000 20.22099 ? 1   DT  A C5    1 
ATOM   16  C  C7    . DT  A 1 1 ? -2.93690  9.09242   3.34641   1.000 21.99081 ? 1   DT  A C7    1 
ATOM   17  C  C6    . DT  A 1 1 ? -5.05561  8.95353   4.63595   1.000 21.20931 ? 1   DT  A C6    1 
ATOM   18  P  P     . DC  A 1 2 ? -5.74095  4.55031   7.94789   1.000 24.15509 ? 2   DC  A P     1 
ATOM   19  O  OP1   . DC  A 1 2 ? -5.93135  3.70391   9.14614   1.000 28.29242 ? 2   DC  A OP1   1 
ATOM   20  O  OP2   . DC  A 1 2 ? -4.41489  4.63053   7.29827   1.000 25.70273 ? 2   DC  A OP2   1 
ATOM   21  O  "O5'" . DC  A 1 2 ? -6.79504  4.09939   6.83380   1.000 21.52929 ? 2   DC  A "O5'" 1 
ATOM   22  C  "C5'" . DC  A 1 2 ? -8.17423  4.00890   7.15555   1.000 20.92557 ? 2   DC  A "C5'" 1 
ATOM   23  C  "C4'" . DC  A 1 2 ? -9.00797  3.77543   5.90946   1.000 21.54912 ? 2   DC  A "C4'" 1 
ATOM   24  O  "O4'" . DC  A 1 2 ? -8.86269  4.89365   5.00017   1.000 19.67042 ? 2   DC  A "O4'" 1 
ATOM   25  C  "C3'" . DC  A 1 2 ? -8.60289  2.57299   5.08375   1.000 21.36988 ? 2   DC  A "C3'" 1 
ATOM   26  O  "O3'" . DC  A 1 2 ? -9.16209  1.39029   5.63513   1.000 22.14696 ? 2   DC  A "O3'" 1 
ATOM   27  C  "C2'" . DC  A 1 2 ? -9.22417  2.91657   3.73495   1.000 21.31148 ? 2   DC  A "C2'" 1 
ATOM   28  C  "C1'" . DC  A 1 2 ? -8.98587  4.42938   3.66127   1.000 20.52086 ? 2   DC  A "C1'" 1 
ATOM   29  N  N1    . DC  A 1 2 ? -7.74932  4.79512   2.91465   1.000 18.99847 ? 2   DC  A N1    1 
ATOM   30  C  C2    . DC  A 1 2 ? -7.74490  4.74555   1.51612   1.000 18.77464 ? 2   DC  A C2    1 
ATOM   31  O  O2    . DC  A 1 2 ? -8.77478  4.40291   0.92184   1.000 20.62874 ? 2   DC  A O2    1 
ATOM   32  N  N3    . DC  A 1 2 ? -6.61077  5.07683   0.85073   1.000 19.63012 ? 2   DC  A N3    1 
ATOM   33  C  C4    . DC  A 1 2 ? -5.52008  5.44104   1.52692   1.000 17.41575 ? 2   DC  A C4    1 
ATOM   34  N  N4    . DC  A 1 2 ? -4.42561  5.75709   0.82441   1.000 20.03273 ? 2   DC  A N4    1 
ATOM   35  C  C5    . DC  A 1 2 ? -5.50333  5.49662   2.95261   1.000 19.48789 ? 2   DC  A C5    1 
ATOM   36  C  C6    . DC  A 1 2 ? -6.62928  5.16832   3.59927   1.000 17.59517 ? 2   DC  A C6    1 
ATOM   37  P  P     . DT  A 1 3 ? -8.45547  -0.03098  5.38424   1.000 23.14000 ? 3   DT  A P     1 
ATOM   38  O  OP1   . DT  A 1 3 ? -9.13550  -1.01965  6.25134   1.000 28.17415 ? 3   DT  A OP1   1 
ATOM   39  O  OP2   . DT  A 1 3 ? -6.99349  0.14920   5.47742   1.000 24.67421 ? 3   DT  A OP2   1 
ATOM   40  O  "O5'" . DT  A 1 3 ? -8.80773  -0.36988  3.86142   1.000 22.46278 ? 3   DT  A "O5'" 1 
ATOM   41  C  "C5'" . DT  A 1 3 ? -10.14851 -0.63586  3.49027   1.000 23.89906 ? 3   DT  A "C5'" 1 
ATOM   42  C  "C4'" . DT  A 1 3 ? -10.25049 -0.90618  2.00285   1.000 22.62202 ? 3   DT  A "C4'" 1 
ATOM   43  O  "O4'" . DT  A 1 3 ? -9.96674  0.30855   1.26817   1.000 21.57232 ? 3   DT  A "O4'" 1 
ATOM   44  C  "C3'" . DT  A 1 3 ? -9.24623  -1.90339  1.46342   1.000 24.32809 ? 3   DT  A "C3'" 1 
ATOM   45  O  "O3'" . DT  A 1 3 ? -9.69370  -3.22940  1.68968   1.000 26.82933 ? 3   DT  A "O3'" 1 
ATOM   46  C  "C2'" . DT  A 1 3 ? -9.24739  -1.55111  -0.01742  1.000 21.83800 ? 3   DT  A "C2'" 1 
ATOM   47  C  "C1'" . DT  A 1 3 ? -9.33623  -0.02350  0.03754   1.000 20.79717 ? 3   DT  A "C1'" 1 
ATOM   48  N  N1    . DT  A 1 3 ? -8.00192  0.64342   -0.01928  1.000 20.05600 ? 3   DT  A N1    1 
ATOM   49  C  C2    . DT  A 1 3 ? -7.42860  0.88602   -1.24479  1.000 20.15137 ? 3   DT  A C2    1 
ATOM   50  O  O2    . DT  A 1 3 ? -7.96145  0.58997   -2.30091  1.000 20.71568 ? 3   DT  A O2    1 
ATOM   51  N  N3    . DT  A 1 3 ? -6.20243  1.49373   -1.19485  1.000 18.37661 ? 3   DT  A N3    1 
ATOM   52  C  C4    . DT  A 1 3 ? -5.50360  1.87461   -0.06490  1.000 18.01781 ? 3   DT  A C4    1 
ATOM   53  O  O4    . DT  A 1 3 ? -4.40376  2.41915   -0.12411  1.000 20.38995 ? 3   DT  A O4    1 
ATOM   54  C  C5    . DT  A 1 3 ? -6.15835  1.58815   1.19031   1.000 18.75549 ? 3   DT  A C5    1 
ATOM   55  C  C7    . DT  A 1 3 ? -5.49591  1.95327   2.48599   1.000 20.20452 ? 3   DT  A C7    1 
ATOM   56  C  C6    . DT  A 1 3 ? -7.36072  0.99215   1.15369   1.000 19.39958 ? 3   DT  A C6    1 
ATOM   57  P  P     . DC  A 1 4 ? -8.62287  -4.39787  1.95305   1.000 25.43374 ? 4   DC  A P     1 
ATOM   58  O  OP1   . DC  A 1 4 ? -9.37730  -5.63503  2.25190   1.000 33.84707 ? 4   DC  A OP1   1 
ATOM   59  O  OP2   . DC  A 1 4 ? -7.61926  -3.89410  2.91515   1.000 29.58207 ? 4   DC  A OP2   1 
ATOM   60  O  "O5'" . DC  A 1 4 ? -7.89356  -4.57294  0.54024   1.000 23.65532 ? 4   DC  A "O5'" 1 
ATOM   61  C  "C5'" . DC  A 1 4 ? -8.60221  -5.14421  -0.54756  1.000 24.00902 ? 4   DC  A "C5'" 1 
ATOM   62  C  "C4'" . DC  A 1 4 ? -7.83731  -4.97550  -1.84623  1.000 21.78953 ? 4   DC  A "C4'" 1 
ATOM   63  O  "O4'" . DC  A 1 4 ? -7.64789  -3.56548  -2.13188  1.000 21.01785 ? 4   DC  A "O4'" 1 
ATOM   64  C  "C3'" . DC  A 1 4 ? -6.42611  -5.51645  -1.84387  1.000 22.41429 ? 4   DC  A "C3'" 1 
ATOM   65  O  "O3'" . DC  A 1 4 ? -6.41637  -6.92381  -1.98257  1.000 22.37776 ? 4   DC  A "O3'" 1 
ATOM   66  C  "C2'" . DC  A 1 4 ? -5.87090  -4.81268  -3.07125  1.000 19.63805 ? 4   DC  A "C2'" 1 
ATOM   67  C  "C1'" . DC  A 1 4 ? -6.43232  -3.40513  -2.85826  1.000 19.70288 ? 4   DC  A "C1'" 1 
ATOM   68  N  N1    . DC  A 1 4 ? -5.50429  -2.53735  -2.07574  1.000 19.85418 ? 4   DC  A N1    1 
ATOM   69  C  C2    . DC  A 1 4 ? -4.43475  -1.91558  -2.72806  1.000 19.71370 ? 4   DC  A C2    1 
ATOM   70  O  O2    . DC  A 1 4 ? -4.29716  -2.07850  -3.94692  1.000 22.67605 ? 4   DC  A O2    1 
ATOM   71  N  N3    . DC  A 1 4 ? -3.58599  -1.14336  -2.00989  1.000 18.25280 ? 4   DC  A N3    1 
ATOM   72  C  C4    . DC  A 1 4 ? -3.76737  -0.99188  -0.69791  1.000 20.04799 ? 4   DC  A C4    1 
ATOM   73  N  N4    . DC  A 1 4 ? -2.90133  -0.22040  -0.03295  1.000 20.46139 ? 4   DC  A N4    1 
ATOM   74  C  C5    . DC  A 1 4 ? -4.84525  -1.62464  -0.01031  1.000 20.70405 ? 4   DC  A C5    1 
ATOM   75  C  C6    . DC  A 1 4 ? -5.67963  -2.38364  -0.73156  1.000 20.85440 ? 4   DC  A C6    1 
ATOM   76  P  P     . DC  A 1 5 ? -5.22258  -7.77195  -1.31863  1.000 24.26366 ? 5   DC  A P     1 
ATOM   77  O  OP1   . DC  A 1 5 ? -5.55484  -9.20749  -1.44853  1.000 27.54006 ? 5   DC  A OP1   1 
ATOM   78  O  OP2   . DC  A 1 5 ? -4.95181  -7.19602  0.01885   1.000 26.90177 ? 5   DC  A OP2   1 
ATOM   79  O  "O5'" . DC  A 1 5 ? -3.96040  -7.44767  -2.23884  1.000 23.10949 ? 5   DC  A "O5'" 1 
ATOM   80  C  "C5'" . DC  A 1 5 ? -3.98853  -7.79183  -3.61425  1.000 22.59288 ? 5   DC  A "C5'" 1 
ATOM   81  C  "C4'" . DC  A 1 5 ? -2.78582  -7.22777  -4.34358  1.000 22.92012 ? 5   DC  A "C4'" 1 
ATOM   82  O  "O4'" . DC  A 1 5 ? -2.79353  -5.78116  -4.26865  1.000 21.72006 ? 5   DC  A "O4'" 1 
ATOM   83  C  "C3'" . DC  A 1 5 ? -1.44255  -7.60570  -3.76258  1.000 23.90049 ? 5   DC  A "C3'" 1 
ATOM   84  O  "O3'" . DC  A 1 5 ? -1.07460  -8.91465  -4.16034  1.000 24.90895 ? 5   DC  A "O3'" 1 
ATOM   85  C  "C2'" . DC  A 1 5 ? -0.55563  -6.54891  -4.40169  1.000 24.40658 ? 5   DC  A "C2'" 1 
ATOM   86  C  "C1'" . DC  A 1 5 ? -1.44944  -5.31147  -4.28839  1.000 21.88254 ? 5   DC  A "C1'" 1 
ATOM   87  N  N1    . DC  A 1 5 ? -1.19073  -4.52455  -3.04955  1.000 20.20175 ? 5   DC  A N1    1 
ATOM   88  C  C2    . DC  A 1 5 ? -0.05405  -3.71031  -2.97835  1.000 19.49401 ? 5   DC  A C2    1 
ATOM   89  O  O2    . DC  A 1 5 ? 0.70537   -3.64879  -3.95410  1.000 21.03821 ? 5   DC  A O2    1 
ATOM   90  N  N3    . DC  A 1 5 ? 0.17977   -3.00696  -1.84336  1.000 20.07006 ? 5   DC  A N3    1 
ATOM   91  C  C4    . DC  A 1 5 ? -0.66323  -3.10031  -0.81361  1.000 19.89333 ? 5   DC  A C4    1 
ATOM   92  N  N4    . DC  A 1 5 ? -0.39059  -2.38781  0.28510   1.000 19.43281 ? 5   DC  A N4    1 
ATOM   93  C  C5    . DC  A 1 5 ? -1.82272  -3.93095  -0.86407  1.000 20.99282 ? 5   DC  A C5    1 
ATOM   94  C  C6    . DC  A 1 5 ? -2.04365  -4.62017  -1.98972  1.000 21.17750 ? 5   DC  A C6    1 
ATOM   95  P  P     . DT  A 1 6 ? -0.03461  -9.75696  -3.27003  1.000 29.14365 ? 6   DT  A P     1 
ATOM   96  O  OP1   . DT  A 1 6 ? -0.07475  -11.15669 -3.74837  1.000 33.73206 ? 6   DT  A OP1   1 
ATOM   97  O  OP2   . DT  A 1 6 ? -0.30168  -9.46109  -1.84521  1.000 27.95127 ? 6   DT  A OP2   1 
ATOM   98  O  "O5'" . DT  A 1 6 ? 1.38867   -9.15021  -3.66662  1.000 27.51024 ? 6   DT  A "O5'" 1 
ATOM   99  C  "C5'" . DT  A 1 6 ? 1.83634   -9.22507  -5.00949  1.000 29.44291 ? 6   DT  A "C5'" 1 
ATOM   100 C  "C4'" . DT  A 1 6 ? 3.21276   -8.60403  -5.16049  1.000 28.24537 ? 6   DT  A "C4'" 1 
ATOM   101 O  "O4'" . DT  A 1 6 ? 3.11890   -7.16009  -5.05526  1.000 25.79446 ? 6   DT  A "O4'" 1 
ATOM   102 C  "C3'" . DT  A 1 6 ? 4.21300   -8.97014  -4.08503  1.000 27.06398 ? 6   DT  A "C3'" 1 
ATOM   103 O  "O3'" . DT  A 1 6 ? 4.76354   -10.25426 -4.31312  1.000 28.64809 ? 6   DT  A "O3'" 1 
ATOM   104 C  "C2'" . DT  A 1 6 ? 5.23971   -7.86437  -4.27499  1.000 26.29299 ? 6   DT  A "C2'" 1 
ATOM   105 C  "C1'" . DT  A 1 6 ? 4.31990   -6.65841  -4.47468  1.000 23.03816 ? 6   DT  A "C1'" 1 
ATOM   106 N  N1    . DT  A 1 6 ? 3.99108   -5.96574  -3.19201  1.000 23.74750 ? 6   DT  A N1    1 
ATOM   107 C  C2    . DT  A 1 6 ? 4.88034   -5.04931  -2.68236  1.000 20.29708 ? 6   DT  A C2    1 
ATOM   108 O  O2    . DT  A 1 6 ? 5.92424   -4.75556  -3.23403  1.000 24.81353 ? 6   DT  A O2    1 
ATOM   109 N  N3    . DT  A 1 6 ? 4.49931   -4.47852  -1.49755  1.000 20.28651 ? 6   DT  A N3    1 
ATOM   110 C  C4    . DT  A 1 6 ? 3.34603   -4.73136  -0.78031  1.000 20.42306 ? 6   DT  A C4    1 
ATOM   111 O  O4    . DT  A 1 6 ? 3.09339   -4.16309  0.27895   1.000 23.24824 ? 6   DT  A O4    1 
ATOM   112 C  C5    . DT  A 1 6 ? 2.45781   -5.70975  -1.36538  1.000 21.97088 ? 6   DT  A C5    1 
ATOM   113 C  C7    . DT  A 1 6 ? 1.17381   -6.06861  -0.67887  1.000 21.49357 ? 6   DT  A C7    1 
ATOM   114 C  C6    . DT  A 1 6 ? 2.82004   -6.27406  -2.52775  1.000 22.73999 ? 6   DT  A C6    1 
ATOM   115 P  P     . DA  A 1 7 ? 5.11012   -11.19593 -3.05788  1.000 30.43825 ? 7   DA  A P     1 
ATOM   116 O  OP1   . DA  A 1 7 ? 5.55078   -12.50589 -3.58591  1.000 33.17650 ? 7   DA  A OP1   1 
ATOM   117 O  OP2   . DA  A 1 7 ? 3.97422   -11.12193 -2.11411  1.000 32.88776 ? 7   DA  A OP2   1 
ATOM   118 O  "O5'" . DA  A 1 7 ? 6.36328   -10.46689 -2.37153  1.000 28.72577 ? 7   DA  A "O5'" 1 
ATOM   119 C  "C5'" . DA  A 1 7 ? 7.61488   -10.44276 -3.04084  1.000 29.20708 ? 7   DA  A "C5'" 1 
ATOM   120 C  "C4'" . DA  A 1 7 ? 8.55049   -9.40582  -2.43804  1.000 27.03413 ? 7   DA  A "C4'" 1 
ATOM   121 O  "O4'" . DA  A 1 7 ? 7.91291   -8.10400  -2.42200  1.000 24.49624 ? 7   DA  A "O4'" 1 
ATOM   122 C  "C3'" . DA  A 1 7 ? 8.93344   -9.62427  -0.98952  1.000 24.93830 ? 7   DA  A "C3'" 1 
ATOM   123 O  "O3'" . DA  A 1 7 ? 9.93947   -10.61655 -0.87907  1.000 23.77520 ? 7   DA  A "O3'" 1 
ATOM   124 C  "C2'" . DA  A 1 7 ? 9.46649   -8.24351  -0.63874  1.000 23.68769 ? 7   DA  A "C2'" 1 
ATOM   125 C  "C1'" . DA  A 1 7 ? 8.43862   -7.34932  -1.33325  1.000 23.98458 ? 7   DA  A "C1'" 1 
ATOM   126 N  N9    . DA  A 1 7 ? 7.34865   -6.96466  -0.44645  1.000 21.03726 ? 7   DA  A N9    1 
ATOM   127 C  C8    . DA  A 1 7 ? 6.07063   -7.44720  -0.44309  1.000 22.17110 ? 7   DA  A C8    1 
ATOM   128 N  N7    . DA  A 1 7 ? 5.30967   -6.92149  0.49084   1.000 21.96001 ? 7   DA  A N7    1 
ATOM   129 C  C5    . DA  A 1 7 ? 6.15425   -6.04059  1.14859   1.000 19.96791 ? 7   DA  A C5    1 
ATOM   130 C  C6    . DA  A 1 7 ? 5.95734   -5.17188  2.24039   1.000 20.70981 ? 7   DA  A C6    1 
ATOM   131 N  N6    . DA  A 1 7 ? 4.79024   -5.04814  2.88079   1.000 20.93624 ? 7   DA  A N6    1 
ATOM   132 N  N1    . DA  A 1 7 ? 7.00976   -4.43118  2.64768   1.000 18.59034 ? 7   DA  A N1    1 
ATOM   133 C  C2    . DA  A 1 7 ? 8.17483   -4.55730  2.00595   1.000 20.60737 ? 7   DA  A C2    1 
ATOM   134 N  N3    . DA  A 1 7 ? 8.48003   -5.33932  0.96920   1.000 20.75290 ? 7   DA  A N3    1 
ATOM   135 C  C4    . DA  A 1 7 ? 7.41450   -6.06085  0.58840   1.000 19.93861 ? 7   DA  A C4    1 
ATOM   136 P  P     . DG  A 1 8 ? 10.09154  -11.44807 0.48815   1.000 25.97857 ? 8   DG  A P     1 
ATOM   137 O  OP1   . DG  A 1 8 ? 11.07409  -12.52863 0.24838   1.000 26.52799 ? 8   DG  A OP1   1 
ATOM   138 O  OP2   . DG  A 1 8 ? 8.72800   -11.78318 0.96121   1.000 29.18516 ? 8   DG  A OP2   1 
ATOM   139 O  "O5'" . DG  A 1 8 ? 10.73835  -10.39795 1.50877   1.000 21.51172 ? 8   DG  A "O5'" 1 
ATOM   140 C  "C5'" . DG  A 1 8 ? 12.00615  -9.81824  1.22259   1.000 22.94726 ? 8   DG  A "C5'" 1 
ATOM   141 C  "C4'" . DG  A 1 8 ? 12.34257  -8.70867  2.20646   1.000 25.37245 ? 8   DG  A "C4'" 1 
ATOM   142 O  "O4'" . DG  A 1 8 ? 11.35471  -7.65463  2.12010   1.000 21.65520 ? 8   DG  A "O4'" 1 
ATOM   143 C  "C3'" . DG  A 1 8 ? 12.34907  -9.11699  3.66593   1.000 23.14322 ? 8   DG  A "C3'" 1 
ATOM   144 O  "O3'" . DG  A 1 8 ? 13.61619  -9.66797  4.00254   1.000 25.54867 ? 8   DG  A "O3'" 1 
ATOM   145 C  "C2'" . DG  A 1 8 ? 12.11672  -7.78006  4.36348   1.000 23.83879 ? 8   DG  A "C2'" 1 
ATOM   146 C  "C1'" . DG  A 1 8 ? 11.15707  -7.07756  3.40328   1.000 22.18893 ? 8   DG  A "C1'" 1 
ATOM   147 N  N9    . DG  A 1 8 ? 9.75139   -7.23328  3.76766   1.000 21.33653 ? 8   DG  A N9    1 
ATOM   148 C  C8    . DG  A 1 8 ? 8.85896   -8.12924  3.23402   1.000 22.92901 ? 8   DG  A C8    1 
ATOM   149 N  N7    . DG  A 1 8 ? 7.66645   -8.04277  3.74957   1.000 22.77559 ? 8   DG  A N7    1 
ATOM   150 C  C5    . DG  A 1 8 ? 7.77072   -7.02384  4.68662   1.000 21.03027 ? 8   DG  A C5    1 
ATOM   151 C  C6    . DG  A 1 8 ? 6.79418   -6.48631  5.55524   1.000 19.85995 ? 8   DG  A C6    1 
ATOM   152 O  O6    . DG  A 1 8 ? 5.60742   -6.81635  5.66920   1.000 18.93277 ? 8   DG  A O6    1 
ATOM   153 N  N1    . DG  A 1 8 ? 7.31151   -5.46444  6.34647   1.000 21.06475 ? 8   DG  A N1    1 
ATOM   154 C  C2    . DG  A 1 8 ? 8.61122   -5.01924  6.30203   1.000 20.29378 ? 8   DG  A C2    1 
ATOM   155 N  N2    . DG  A 1 8 ? 8.92515   -4.02413  7.14432   1.000 21.72289 ? 8   DG  A N2    1 
ATOM   156 N  N3    . DG  A 1 8 ? 9.53942   -5.51620  5.49093   1.000 20.27100 ? 8   DG  A N3    1 
ATOM   157 C  C4    . DG  A 1 8 ? 9.04873   -6.51358  4.71322   1.000 20.36006 ? 8   DG  A C4    1 
ATOM   158 P  P     . DG  A 1 9 ? 13.74081  -10.77590 5.15962   1.000 28.37043 ? 9   DG  A P     1 
ATOM   159 O  OP1   . DG  A 1 9 ? 15.13469  -11.27815 5.15107   1.000 32.32319 ? 9   DG  A OP1   1 
ATOM   160 O  OP2   . DG  A 1 9 ? 12.61403  -11.72290 5.01153   1.000 28.18401 ? 9   DG  A OP2   1 
ATOM   161 O  "O5'" . DG  A 1 9 ? 13.50535  -9.94487  6.50376   1.000 29.45880 ? 9   DG  A "O5'" 1 
ATOM   162 C  "C5'" . DG  A 1 9 ? 14.33986  -8.83500  6.80964   1.000 26.58634 ? 9   DG  A "C5'" 1 
ATOM   163 C  "C4'" . DG  A 1 9 ? 13.91177  -8.19191  8.11331   1.000 26.73469 ? 9   DG  A "C4'" 1 
ATOM   164 O  "O4'" . DG  A 1 9 ? 12.58727  -7.61908  7.96417   1.000 24.98986 ? 9   DG  A "O4'" 1 
ATOM   165 C  "C3'" . DG  A 1 9 ? 13.83170  -9.15575  9.30309   1.000 26.21442 ? 9   DG  A "C3'" 1 
ATOM   166 O  "O3'" . DG  A 1 9 ? 14.60727  -8.65826  10.38323  1.000 26.24273 ? 9   DG  A "O3'" 1 
ATOM   167 C  "C2'" . DG  A 1 9 ? 12.34060  -9.19378  9.64957   1.000 26.92936 ? 9   DG  A "C2'" 1 
ATOM   168 C  "C1'" . DG  A 1 9 ? 11.86997  -7.83886  9.14912   1.000 23.60445 ? 9   DG  A "C1'" 1 
ATOM   169 N  N9    . DG  A 1 9 ? 10.43782  -7.79080  8.85761   1.000 21.43337 ? 9   DG  A N9    1 
ATOM   170 C  C8    . DG  A 1 9 ? 9.76359   -8.47982  7.87686   1.000 21.68314 ? 9   DG  A C8    1 
ATOM   171 N  N7    . DG  A 1 9 ? 8.47998   -8.23948  7.86421   1.000 21.56492 ? 9   DG  A N7    1 
ATOM   172 C  C5    . DG  A 1 9 ? 8.29207   -7.33474  8.90448   1.000 18.00067 ? 9   DG  A C5    1 
ATOM   173 C  C6    . DG  A 1 9 ? 7.10865   -6.70997  9.37440   1.000 20.00284 ? 9   DG  A C6    1 
ATOM   174 O  O6    . DG  A 1 9 ? 5.95218   -6.83651  8.95436   1.000 19.35001 ? 9   DG  A O6    1 
ATOM   175 N  N1    . DG  A 1 9 ? 7.36399   -5.86305  10.44917  1.000 16.72079 ? 9   DG  A N1    1 
ATOM   176 C  C2    . DG  A 1 9 ? 8.60164   -5.64520  11.00018  1.000 20.91651 ? 9   DG  A C2    1 
ATOM   177 N  N2    . DG  A 1 9 ? 8.64934   -4.79223  12.03242  1.000 19.48554 ? 9   DG  A N2    1 
ATOM   178 N  N3    . DG  A 1 9 ? 9.71646   -6.22152  10.57108  1.000 19.79431 ? 9   DG  A N3    1 
ATOM   179 C  C4    . DG  A 1 9 ? 9.48731   -7.05125  9.52412   1.000 19.62302 ? 9   DG  A C4    1 
HETATM 180 N  N1    . OMC B 2 1 ? 4.90252   -2.12269  9.37277   1.000 23.13845 ? 1   OMC B N1    1 
HETATM 181 C  C2    . OMC B 2 1 ? 5.80605   -2.98349  8.73908   1.000 23.40477 ? 1   OMC B C2    1 
HETATM 182 N  N3    . OMC B 2 1 ? 5.34439   -3.81978  7.76953   1.000 20.79031 ? 1   OMC B N3    1 
HETATM 183 C  C4    . OMC B 2 1 ? 4.04510   -3.81796  7.42999   1.000 23.62579 ? 1   OMC B C4    1 
HETATM 184 C  C5    . OMC B 2 1 ? 3.11047   -2.94555  8.06245   1.000 23.58987 ? 1   OMC B C5    1 
HETATM 185 C  C6    . OMC B 2 1 ? 3.57693   -2.12323  9.01758   1.000 25.31432 ? 1   OMC B C6    1 
HETATM 186 O  O2    . OMC B 2 1 ? 6.98946   -2.96289  9.08052   1.000 22.19221 ? 1   OMC B O2    1 
HETATM 187 N  N4    . OMC B 2 1 ? 3.64237   -4.66420  6.48096   1.000 21.47446 ? 1   OMC B N4    1 
HETATM 188 C  "C1'" . OMC B 2 1 ? 5.40393   -1.22808  10.44485  1.000 24.08870 ? 1   OMC B "C1'" 1 
HETATM 189 C  "C2'" . OMC B 2 1 ? 6.17002   -0.02692  9.88817   1.000 27.07557 ? 1   OMC B "C2'" 1 
HETATM 190 O  "O2'" . OMC B 2 1 ? 7.15194   0.35338   10.84152  1.000 27.80853 ? 1   OMC B "O2'" 1 
HETATM 191 C  CM2   . OMC B 2 1 ? 8.31029   -0.46836  10.85428  1.000 25.09629 ? 1   OMC B CM2   1 
HETATM 192 C  "C3'" . OMC B 2 1 ? 5.06598   1.01720   9.81547   1.000 28.93694 ? 1   OMC B "C3'" 1 
HETATM 193 C  "C4'" . OMC B 2 1 ? 4.25590   0.71871   11.06648  1.000 26.41771 ? 1   OMC B "C4'" 1 
HETATM 194 O  "O4'" . OMC B 2 1 ? 4.29828   -0.72855  11.16988  1.000 25.95984 ? 1   OMC B "O4'" 1 
HETATM 195 O  "O3'" . OMC B 2 1 ? 5.54425   2.34936   9.76338   1.000 32.78881 ? 1   OMC B "O3'" 1 
HETATM 196 C  "C5'" . OMC B 2 1 ? 2.82620   1.19464   11.06820  1.000 29.10406 ? 1   OMC B "C5'" 1 
HETATM 197 O  "O5'" . OMC B 2 1 ? 2.07714   0.60082   10.02026  1.000 34.72409 ? 1   OMC B "O5'" 1 
HETATM 198 N  N1    . OMU B 2 2 ? 8.03980   -0.78889  5.89352   1.000 24.21867 ? 2   OMU B N1    1 
HETATM 199 C  C2    . OMU B 2 2 ? 8.15109   -1.79450  4.95438   1.000 22.84010 ? 2   OMU B C2    1 
HETATM 200 N  N3    . OMU B 2 2 ? 6.95663   -2.29297  4.49165   1.000 19.51931 ? 2   OMU B N3    1 
HETATM 201 C  C4    . OMU B 2 2 ? 5.68953   -1.89172  4.86652   1.000 19.37729 ? 2   OMU B C4    1 
HETATM 202 C  C5    . OMU B 2 2 ? 5.65531   -0.83911  5.83698   1.000 24.52321 ? 2   OMU B C5    1 
HETATM 203 C  C6    . OMU B 2 2 ? 6.80742   -0.33073  6.30850   1.000 22.63397 ? 2   OMU B C6    1 
HETATM 204 O  O2    . OMU B 2 2 ? 9.22838   -2.21870  4.55948   1.000 23.16995 ? 2   OMU B O2    1 
HETATM 205 O  O4    . OMU B 2 2 ? 4.69691   -2.44456  4.36962   1.000 24.89783 ? 2   OMU B O4    1 
HETATM 206 C  "C1'" . OMU B 2 2 ? 9.28797   -0.23991  6.47475   1.000 25.06080 ? 2   OMU B "C1'" 1 
HETATM 207 C  "C2'" . OMU B 2 2 ? 9.96998   0.76601   5.54979   1.000 27.47121 ? 2   OMU B "C2'" 1 
HETATM 208 O  "O2'" . OMU B 2 2 ? 11.36946  0.71939   5.78720   1.000 27.31140 ? 2   OMU B "O2'" 1 
HETATM 209 C  CM2   . OMU B 2 2 ? 12.05043  -0.32079  5.09604   1.000 28.18699 ? 2   OMU B CM2   1 
HETATM 210 C  "C3'" . OMU B 2 2 ? 9.38574   2.07865   6.05255   1.000 28.09973 ? 2   OMU B "C3'" 1 
HETATM 211 C  "C4'" . OMU B 2 2 ? 9.27730   1.84586   7.55235   1.000 29.30410 ? 2   OMU B "C4'" 1 
HETATM 212 O  "O3'" . OMU B 2 2 ? 10.17137  3.21153   5.72548   1.000 31.06894 ? 2   OMU B "O3'" 1 
HETATM 213 O  "O4'" . OMU B 2 2 ? 8.96078   0.43381   7.67140   1.000 26.80401 ? 2   OMU B "O4'" 1 
HETATM 214 C  "C5'" . OMU B 2 2 ? 8.23127   2.66171   8.26989   1.000 28.41993 ? 2   OMU B "C5'" 1 
HETATM 215 O  "O5'" . OMU B 2 2 ? 6.95115   2.50003   7.67746   1.000 31.64827 ? 2   OMU B "O5'" 1 
HETATM 216 P  P     . OMU B 2 2 ? 5.64716   3.11386   8.35436   1.000 35.83436 ? 2   OMU B P     1 
HETATM 217 O  OP1   . OMU B 2 2 ? 5.89740   4.55824   8.62462   1.000 35.21304 ? 2   OMU B OP1   1 
HETATM 218 O  OP2   . OMU B 2 2 ? 4.43843   2.70300   7.50632   1.000 35.24954 ? 2   OMU B OP2   1 
HETATM 219 P  P     . A2M B 2 3 ? 9.89646   4.01398   4.36121   1.000 33.27534 ? 3   A2M B P     1 
HETATM 220 O  OP1   . A2M B 2 3 ? 10.73095  5.25289   4.34181   1.000 31.83692 ? 3   A2M B OP1   1 
HETATM 221 O  "O5'" . A2M B 2 3 ? 10.30618  2.96691   3.19959   1.000 28.51802 ? 3   A2M B "O5'" 1 
HETATM 222 C  "C5'" . A2M B 2 3 ? 11.69302  2.66343   2.94244   1.000 23.49022 ? 3   A2M B "C5'" 1 
HETATM 223 C  "C4'" . A2M B 2 3 ? 11.76757  1.88756   1.65216   1.000 25.54959 ? 3   A2M B "C4'" 1 
HETATM 224 O  "O4'" . A2M B 2 3 ? 11.27342  0.54619   1.86377   1.000 24.05086 ? 3   A2M B "O4'" 1 
HETATM 225 C  "C3'" . A2M B 2 3 ? 10.90681  2.44376   0.52400   1.000 26.32799 ? 3   A2M B "C3'" 1 
HETATM 226 O  "O3'" . A2M B 2 3 ? 11.53905  3.52746   -0.14833  1.000 24.54803 ? 3   A2M B "O3'" 1 
HETATM 227 C  "C2'" . A2M B 2 3 ? 10.77597  1.20096   -0.34946  1.000 24.21875 ? 3   A2M B "C2'" 1 
HETATM 228 O  "O2'" . A2M B 2 3 ? 11.93792  0.96913   -1.13395  1.000 23.85334 ? 3   A2M B "O2'" 1 
HETATM 229 C  "C1'" . A2M B 2 3 ? 10.62265  0.08955   0.68989   1.000 23.92303 ? 3   A2M B "C1'" 1 
HETATM 230 C  "CM'" . A2M B 2 3 ? 11.67991  0.75070   -2.51421  1.000 26.64376 ? 3   A2M B "CM'" 1 
HETATM 231 N  N9    . A2M B 2 3 ? 9.23227   -0.20560  1.02296   1.000 20.99481 ? 3   A2M B N9    1 
HETATM 232 C  C8    . A2M B 2 3 ? 8.46937   0.39002   1.99326   1.000 23.43154 ? 3   A2M B C8    1 
HETATM 233 N  N7    . A2M B 2 3 ? 7.24969   -0.08143  2.07999   1.000 23.24277 ? 3   A2M B N7    1 
HETATM 234 C  C5    . A2M B 2 3 ? 7.20435   -1.05770  1.09585   1.000 21.23006 ? 3   A2M B C5    1 
HETATM 235 C  C6    . A2M B 2 3 ? 6.18639   -1.93492  0.67455   1.000 21.38911 ? 3   A2M B C6    1 
HETATM 236 N  N6    . A2M B 2 3 ? 4.96658   -1.97907  1.22049   1.000 20.33644 ? 3   A2M B N6    1 
HETATM 237 N  N1    . A2M B 2 3 ? 6.46883   -2.78358  -0.33782  1.000 20.33212 ? 3   A2M B N1    1 
HETATM 238 C  C2    . A2M B 2 3 ? 7.68785   -2.75160  -0.88369  1.000 20.43828 ? 3   A2M B C2    1 
HETATM 239 N  N3    . A2M B 2 3 ? 8.72620   -1.97339  -0.56840  1.000 21.17211 ? 3   A2M B N3    1 
HETATM 240 C  C4    . A2M B 2 3 ? 8.41891   -1.14380  0.43460   1.000 22.30520 ? 3   A2M B C4    1 
HETATM 241 O  OP2   . A2M B 2 3 ? 8.38912   4.26987   4.22812   1.000 29.19739 ? 3   A2M B OP2   1 
HETATM 242 P  P     . OMG B 2 4 ? 10.64320  4.66592   -0.84318  1.000 22.07456 ? 4   OMG B P     1 
HETATM 243 O  OP1   . OMG B 2 4 ? 11.56826  5.68646   -1.42300  1.000 24.94197 ? 4   OMG B OP1   1 
HETATM 244 O  OP2   . OMG B 2 4 ? 9.55150   5.09642   0.14133   1.000 22.32133 ? 4   OMG B OP2   1 
HETATM 245 O  "O5'" . OMG B 2 4 ? 9.95358   3.89943   -2.05547  1.000 22.54013 ? 4   OMG B "O5'" 1 
HETATM 246 C  "C5'" . OMG B 2 4 ? 8.55237   3.95843   -2.27661  1.000 22.60787 ? 4   OMG B "C5'" 1 
HETATM 247 C  "C4'" . OMG B 2 4 ? 8.11603   2.83428   -3.18238  1.000 22.53663 ? 4   OMG B "C4'" 1 
HETATM 248 O  "O4'" . OMG B 2 4 ? 8.01780   1.59152   -2.43722  1.000 22.91742 ? 4   OMG B "O4'" 1 
HETATM 249 C  "C3'" . OMG B 2 4 ? 6.75230   2.96150   -3.83659  1.000 23.49245 ? 4   OMG B "C3'" 1 
HETATM 250 O  "O3'" . OMG B 2 4 ? 6.72671   3.86402   -4.92527  1.000 24.71720 ? 4   OMG B "O3'" 1 
HETATM 251 C  "C2'" . OMG B 2 4 ? 6.46500   1.52169   -4.22480  1.000 22.98574 ? 4   OMG B "C2'" 1 
HETATM 252 O  "O2'" . OMG B 2 4 ? 7.26530   1.14092   -5.33321  1.000 21.37806 ? 4   OMG B "O2'" 1 
HETATM 253 C  CM2   . OMG B 2 4 ? 6.94040   -0.12846  -5.88745  1.000 23.43825 ? 4   OMG B CM2   1 
HETATM 254 C  "C1'" . OMG B 2 4 ? 6.98643   0.79365   -2.98753  1.000 22.89058 ? 4   OMG B "C1'" 1 
HETATM 255 N  N9    . OMG B 2 4 ? 5.91686   0.63716   -1.98700  1.000 21.22164 ? 4   OMG B N9    1 
HETATM 256 C  C8    . OMG B 2 4 ? 5.75077   1.31390   -0.80684  1.000 21.71414 ? 4   OMG B C8    1 
HETATM 257 N  N7    . OMG B 2 4 ? 4.64199   0.99210   -0.17980  1.000 23.27461 ? 4   OMG B N7    1 
HETATM 258 C  C5    . OMG B 2 4 ? 4.04924   0.04252   -0.99682  1.000 21.14876 ? 4   OMG B C5    1 
HETATM 259 C  C6    . OMG B 2 4 ? 2.82254   -0.67773  -0.86168  1.000 19.38782 ? 4   OMG B C6    1 
HETATM 260 O  O6    . OMG B 2 4 ? 2.00017   -0.59032  0.04802   1.000 20.87919 ? 4   OMG B O6    1 
HETATM 261 N  N1    . OMG B 2 4 ? 2.60817   -1.53868  -1.92019  1.000 18.06240 ? 4   OMG B N1    1 
HETATM 262 C  C2    . OMG B 2 4 ? 3.44978   -1.70485  -2.98687  1.000 20.94521 ? 4   OMG B C2    1 
HETATM 263 N  N2    . OMG B 2 4 ? 3.07961   -2.58600  -3.92171  1.000 20.98186 ? 4   OMG B N2    1 
HETATM 264 N  N3    . OMG B 2 4 ? 4.59367   -1.03841  -3.12725  1.000 21.79337 ? 4   OMG B N3    1 
HETATM 265 C  C4    . OMG B 2 4 ? 4.82593   -0.18997  -2.10848  1.000 21.55572 ? 4   OMG B C4    1 
HETATM 266 P  P     . OMG B 2 5 ? 5.35200   4.58891   -5.33023  1.000 23.21941 ? 5   OMG B P     1 
HETATM 267 O  OP1   . OMG B 2 5 ? 5.66294   5.65958   -6.31462  1.000 24.88401 ? 5   OMG B OP1   1 
HETATM 268 O  OP2   . OMG B 2 5 ? 4.59995   4.93627   -4.03891  1.000 24.41251 ? 5   OMG B OP2   1 
HETATM 269 O  "O5'" . OMG B 2 5 ? 4.51725   3.45550   -6.07636  1.000 22.95062 ? 5   OMG B "O5'" 1 
HETATM 270 C  "C5'" . OMG B 2 5 ? 4.97484   2.88540   -7.29355  1.000 21.82809 ? 5   OMG B "C5'" 1 
HETATM 271 C  "C4'" . OMG B 2 5 ? 4.03664   1.80829   -7.78053  1.000 21.22184 ? 5   OMG B "C4'" 1 
HETATM 272 O  "O4'" . OMG B 2 5 ? 3.95704   0.74410   -6.79368  1.000 23.56694 ? 5   OMG B "O4'" 1 
HETATM 273 C  "C3'" . OMG B 2 5 ? 2.58881   2.22638   -7.98604  1.000 23.51425 ? 5   OMG B "C3'" 1 
HETATM 274 O  "O3'" . OMG B 2 5 ? 2.36950   2.88927   -9.21884  1.000 23.49595 ? 5   OMG B "O3'" 1 
HETATM 275 C  "C2'" . OMG B 2 5 ? 1.84538   0.90496   -7.85751  1.000 22.38687 ? 5   OMG B "C2'" 1 
HETATM 276 O  "O2'" . OMG B 2 5 ? 1.99160   0.12988   -9.03826  1.000 23.78810 ? 5   OMG B "O2'" 1 
HETATM 277 C  CM2   . OMG B 2 5 ? 1.12459   -0.99327  -9.11110  1.000 23.62080 ? 5   OMG B CM2   1 
HETATM 278 C  "C1'" . OMG B 2 5 ? 2.64102   0.23164   -6.74173  1.000 23.31449 ? 5   OMG B "C1'" 1 
HETATM 279 N  N9    . OMG B 2 5 ? 2.07963   0.53371   -5.41156  1.000 21.50038 ? 5   OMG B N9    1 
HETATM 280 C  C8    . OMG B 2 5 ? 2.63399   1.32276   -4.43729  1.000 20.25522 ? 5   OMG B C8    1 
HETATM 281 N  N7    . OMG B 2 5 ? 1.89430   1.40884   -3.35619  1.000 20.87588 ? 5   OMG B N7    1 
HETATM 282 C  C5    . OMG B 2 5 ? 0.78420   0.62906   -3.63738  1.000 20.94049 ? 5   OMG B C5    1 
HETATM 283 C  C6    . OMG B 2 5 ? -0.37147  0.33055   -2.85708  1.000 22.13028 ? 5   OMG B C6    1 
HETATM 284 O  O6    . OMG B 2 5 ? -0.62880  0.72801   -1.72118  1.000 21.71355 ? 5   OMG B O6    1 
HETATM 285 N  N1    . OMG B 2 5 ? -1.24824  -0.50081  -3.52719  1.000 20.02917 ? 5   OMG B N1    1 
HETATM 286 C  C2    . OMG B 2 5 ? -1.05957  -0.99636  -4.79001  1.000 19.41218 ? 5   OMG B C2    1 
HETATM 287 N  N2    . OMG B 2 5 ? -2.01763  -1.78603  -5.28048  1.000 22.70290 ? 5   OMG B N2    1 
HETATM 288 N  N3    . OMG B 2 5 ? 0.01445   -0.72721  -5.53035  1.000 20.60610 ? 5   OMG B N3    1 
HETATM 289 C  C4    . OMG B 2 5 ? 0.88511   0.08174   -4.89983  1.000 22.19719 ? 5   OMG B C4    1 
HETATM 290 P  P     . A2M B 2 6 ? 1.16642   3.94425   -9.36407  1.000 24.52571 ? 6   A2M B P     1 
HETATM 291 O  OP1   . A2M B 2 6 ? 1.28034   4.63291   -10.68058 1.000 27.63499 ? 6   A2M B OP1   1 
HETATM 292 O  "O5'" . A2M B 2 6 ? -0.16593  3.04219   -9.26115  1.000 22.02622 ? 6   A2M B "O5'" 1 
HETATM 293 C  "C5'" . A2M B 2 6 ? -0.57450  2.27134   -10.40902 1.000 22.54608 ? 6   A2M B "C5'" 1 
HETATM 294 C  "C4'" . A2M B 2 6 ? -1.94808  1.70687   -10.14862 1.000 22.59502 ? 6   A2M B "C4'" 1 
HETATM 295 O  "O4'" . A2M B 2 6 ? -1.88931  0.75689   -9.06024  1.000 21.87366 ? 6   A2M B "O4'" 1 
HETATM 296 C  "C3'" . A2M B 2 6 ? -3.00040  2.72170   -9.71594  1.000 22.18269 ? 6   A2M B "C3'" 1 
HETATM 297 O  "O3'" . A2M B 2 6 ? -3.52046  3.47674   -10.80426 1.000 23.41003 ? 6   A2M B "O3'" 1 
HETATM 298 C  "C2'" . A2M B 2 6 ? -4.01574  1.75715   -9.11444  1.000 19.32878 ? 6   A2M B "C2'" 1 
HETATM 299 O  "O2'" . A2M B 2 6 ? -4.72265  1.02583   -10.10672 1.000 21.12116 ? 6   A2M B "O2'" 1 
HETATM 300 C  "C1'" . A2M B 2 6 ? -3.10314  0.81663   -8.33030  1.000 22.18339 ? 6   A2M B "C1'" 1 
HETATM 301 C  "CM'" . A2M B 2 6 ? -5.82917  0.28313   -9.61251  1.000 22.66417 ? 6   A2M B "CM'" 1 
HETATM 302 N  N9    . A2M B 2 6 ? -2.80979  1.30228   -6.98641  1.000 18.96940 ? 6   A2M B N9    1 
HETATM 303 C  C8    . A2M B 2 6 ? -1.66654  1.92265   -6.55567  1.000 21.14114 ? 6   A2M B C8    1 
HETATM 304 N  N7    . A2M B 2 6 ? -1.70403  2.30347   -5.30220  1.000 21.18441 ? 6   A2M B N7    1 
HETATM 305 C  C5    . A2M B 2 6 ? -2.96099  1.90252   -4.87511  1.000 19.34185 ? 6   A2M B C5    1 
HETATM 306 C  C6    . A2M B 2 6 ? -3.62584  2.01804   -3.63929  1.000 20.73787 ? 6   A2M B C6    1 
HETATM 307 N  N6    . A2M B 2 6 ? -3.09720  2.60485   -2.56093  1.000 22.33177 ? 6   A2M B N6    1 
HETATM 308 N  N1    . A2M B 2 6 ? -4.87441  1.51027   -3.54857  1.000 19.56867 ? 6   A2M B N1    1 
HETATM 309 C  C2    . A2M B 2 6 ? -5.41371  0.93071   -4.62468  1.000 21.52501 ? 6   A2M B C2    1 
HETATM 310 N  N3    . A2M B 2 6 ? -4.88570  0.76740   -5.83976  1.000 20.04168 ? 6   A2M B N3    1 
HETATM 311 C  C4    . A2M B 2 6 ? -3.65170  1.27899   -5.90112  1.000 20.74558 ? 6   A2M B C4    1 
HETATM 312 O  OP2   . A2M B 2 6 ? 1.16627   4.89064   -8.15985  1.000 30.70857 ? 6   A2M B OP2   1 
HETATM 313 P  P     . OMG B 2 7 ? -3.99379  4.99578   -10.57012 1.000 22.47649 ? 7   OMG B P     1 
HETATM 314 O  OP1   . OMG B 2 7 ? -4.40084  5.56053   -11.89061 1.000 27.68985 ? 7   OMG B OP1   1 
HETATM 315 O  OP2   . OMG B 2 7 ? -2.93260  5.71743   -9.73318  1.000 24.70893 ? 7   OMG B OP2   1 
HETATM 316 O  "O5'" . OMG B 2 7 ? -5.30427  4.85157   -9.67918  1.000 20.77298 ? 7   OMG B "O5'" 1 
HETATM 317 C  "C5'" . OMG B 2 7 ? -6.44589  4.18484   -10.19056 1.000 19.42772 ? 7   OMG B "C5'" 1 
HETATM 318 C  "C4'" . OMG B 2 7 ? -7.45678  3.89171   -9.11353  1.000 18.67125 ? 7   OMG B "C4'" 1 
HETATM 319 O  "O4'" . OMG B 2 7 ? -6.86045  3.10153   -8.04980  1.000 19.33592 ? 7   OMG B "O4'" 1 
HETATM 320 C  "C3'" . OMG B 2 7 ? -8.02247  5.08713   -8.37203  1.000 18.08176 ? 7   OMG B "C3'" 1 
HETATM 321 O  "O3'" . OMG B 2 7 ? -8.95520  5.84005   -9.12348  1.000 20.87411 ? 7   OMG B "O3'" 1 
HETATM 322 C  "C2'" . OMG B 2 7 ? -8.60180  4.42414   -7.13500  1.000 17.33800 ? 7   OMG B "C2'" 1 
HETATM 323 O  "O2'" . OMG B 2 7 ? -9.77887  3.70231   -7.46989  1.000 19.87264 ? 7   OMG B "O2'" 1 
HETATM 324 C  CM2   . OMG B 2 7 ? -10.41165 3.06380   -6.36722  1.000 21.24643 ? 7   OMG B CM2   1 
HETATM 325 C  "C1'" . OMG B 2 7 ? -7.49650  3.41657   -6.82261  1.000 18.51319 ? 7   OMG B "C1'" 1 
HETATM 326 N  N9    . OMG B 2 7 ? -6.50383  3.98958   -5.89417  1.000 18.81804 ? 7   OMG B N9    1 
HETATM 327 C  C8    . OMG B 2 7 ? -5.25799  4.48310   -6.18363  1.000 21.55478 ? 7   OMG B C8    1 
HETATM 328 N  N7    . OMG B 2 7 ? -4.63741  4.97040   -5.13285  1.000 23.53771 ? 7   OMG B N7    1 
HETATM 329 C  C5    . OMG B 2 7 ? -5.52969  4.78254   -4.08964  1.000 18.18248 ? 7   OMG B C5    1 
HETATM 330 C  C6    . OMG B 2 7 ? -5.43534  5.11128   -2.70091  1.000 20.39299 ? 7   OMG B C6    1 
HETATM 331 O  O6    . OMG B 2 7 ? -4.49536  5.65190   -2.12177  1.000 20.02222 ? 7   OMG B O6    1 
HETATM 332 N  N1    . OMG B 2 7 ? -6.57145  4.74732   -2.00577  1.000 19.76761 ? 7   OMG B N1    1 
HETATM 333 C  C2    . OMG B 2 7 ? -7.67172  4.14234   -2.54993  1.000 18.36385 ? 7   OMG B C2    1 
HETATM 334 N  N2    . OMG B 2 7 ? -8.68196  3.86508   -1.72250  1.000 19.69818 ? 7   OMG B N2    1 
HETATM 335 N  N3    . OMG B 2 7 ? -7.77398  3.83016   -3.84014  1.000 20.30800 ? 7   OMG B N3    1 
HETATM 336 C  C4    . OMG B 2 7 ? -6.68155  4.17679   -4.54313  1.000 19.81609 ? 7   OMG B C4    1 
HETATM 337 P  P     . A2M B 2 8 ? -9.18008  7.39480   -8.78318  1.000 20.97425 ? 8   A2M B P     1 
HETATM 338 O  OP1   . A2M B 2 8 ? -9.88135  8.05812   -9.91623  1.000 22.88765 ? 8   A2M B OP1   1 
HETATM 339 O  "O5'" . A2M B 2 8 ? -10.07039 7.37552   -7.44335  1.000 21.08915 ? 8   A2M B "O5'" 1 
HETATM 340 C  "C5'" . A2M B 2 8 ? -11.33310 6.68198   -7.47614  1.000 19.70834 ? 8   A2M B "C5'" 1 
HETATM 341 C  "C4'" . A2M B 2 8 ? -11.93897 6.74367   -6.09867  1.000 20.18293 ? 8   A2M B "C4'" 1 
HETATM 342 O  "O4'" . A2M B 2 8 ? -11.10943 6.01460   -5.16728  1.000 20.33294 ? 8   A2M B "O4'" 1 
HETATM 343 C  "C3'" . A2M B 2 8 ? -12.04684 8.14434   -5.51024  1.000 22.30845 ? 8   A2M B "C3'" 1 
HETATM 344 O  "O3'" . A2M B 2 8 ? -13.19520 8.82208   -6.00705  1.000 21.21526 ? 8   A2M B "O3'" 1 
HETATM 345 C  "C2'" . A2M B 2 8 ? -12.18437 7.77900   -4.03753  1.000 22.56229 ? 8   A2M B "C2'" 1 
HETATM 346 O  "O2'" . A2M B 2 8 ? -13.49415 7.30454   -3.76006  1.000 26.34496 ? 8   A2M B "O2'" 1 
HETATM 347 C  "C1'" . A2M B 2 8 ? -11.17931 6.63671   -3.89609  1.000 20.88606 ? 8   A2M B "C1'" 1 
HETATM 348 C  "CM'" . A2M B 2 8 ? -13.85047 7.33846   -2.38917  1.000 26.06481 ? 8   A2M B "CM'" 1 
HETATM 349 N  N9    . A2M B 2 8 ? -9.83893  7.08701   -3.53518  1.000 20.11924 ? 8   A2M B N9    1 
HETATM 350 C  C8    . A2M B 2 8 ? -8.77946  7.29281   -4.37990  1.000 18.72701 ? 8   A2M B C8    1 
HETATM 351 N  N7    . A2M B 2 8 ? -7.69207  7.71437   -3.78190  1.000 19.31151 ? 8   A2M B N7    1 
HETATM 352 C  C5    . A2M B 2 8 ? -8.06007  7.79027   -2.44691  1.000 18.77854 ? 8   A2M B C5    1 
HETATM 353 C  C6    . A2M B 2 8 ? -7.35799  8.17673   -1.28905  1.000 19.48256 ? 8   A2M B C6    1 
HETATM 354 N  N6    . A2M B 2 8 ? -6.08270  8.57760   -1.28909  1.000 18.90206 ? 8   A2M B N6    1 
HETATM 355 N  N1    . A2M B 2 8 ? -8.02017  8.14077   -0.11244  1.000 17.59826 ? 8   A2M B N1    1 
HETATM 356 C  C2    . A2M B 2 8 ? -9.29572  7.74308   -0.10349  1.000 17.99922 ? 8   A2M B C2    1 
HETATM 357 N  N3    . A2M B 2 8 ? -10.05999 7.35719   -1.12871  1.000 18.15747 ? 8   A2M B N3    1 
HETATM 358 C  C4    . A2M B 2 8 ? -9.38032  7.40445   -2.27963  1.000 18.99947 ? 8   A2M B C4    1 
HETATM 359 O  OP2   . A2M B 2 8 ? -7.83762  8.03453   -8.41239  1.000 23.05913 ? 8   A2M B OP2   1 
HETATM 360 N  N1    . OMC B 2 9 ? -10.45980 11.33971  -1.65344  1.000 19.22847 ? 9   OMC B N1    1 
HETATM 361 C  C2    . OMC B 2 9 ? -9.46149  11.60507  -0.71164  1.000 20.30964 ? 9   OMC B C2    1 
HETATM 362 N  N3    . OMC B 2 9 ? -8.16717  11.64920  -1.12367  1.000 17.11791 ? 9   OMC B N3    1 
HETATM 363 C  C4    . OMC B 2 9 ? -7.85437  11.44251  -2.41284  1.000 19.78996 ? 9   OMC B C4    1 
HETATM 364 C  C5    . OMC B 2 9 ? -8.85806  11.17035  -3.38871  1.000 21.11232 ? 9   OMC B C5    1 
HETATM 365 C  C6    . OMC B 2 9 ? -10.13463 11.12689  -2.97043  1.000 19.04330 ? 9   OMC B C6    1 
HETATM 366 O  O2    . OMC B 2 9 ? -9.78482  11.79318  0.46100   1.000 20.01599 ? 9   OMC B O2    1 
HETATM 367 N  N4    . OMC B 2 9 ? -6.56772  11.49856  -2.76429  1.000 18.04708 ? 9   OMC B N4    1 
HETATM 368 C  "C1'" . OMC B 2 9 ? -11.86706 11.30399  -1.18960  1.000 19.16740 ? 9   OMC B "C1'" 1 
HETATM 369 C  "C2'" . OMC B 2 9 ? -12.49858 12.70051  -1.13929  1.000 19.90954 ? 9   OMC B "C2'" 1 
HETATM 370 O  "O2'" . OMC B 2 9 ? -13.38108 12.75171  -0.02822  1.000 22.21275 ? 9   OMC B "O2'" 1 
HETATM 371 C  CM2   . OMC B 2 9 ? -12.79052 13.25665  1.16245   1.000 20.84288 ? 9   OMC B CM2   1 
HETATM 372 C  "C3'" . OMC B 2 9 ? -13.28216 12.72667  -2.44461  1.000 22.52852 ? 9   OMC B "C3'" 1 
HETATM 373 C  "C4'" . OMC B 2 9 ? -13.75567 11.29037  -2.56834  1.000 23.60655 ? 9   OMC B "C4'" 1 
HETATM 374 O  "O4'" . OMC B 2 9 ? -12.62941 10.51862  -2.08359  1.000 18.89412 ? 9   OMC B "O4'" 1 
HETATM 375 O  "O3'" . OMC B 2 9 ? -14.34435 13.66471  -2.45867  1.000 24.42075 ? 9   OMC B "O3'" 1 
HETATM 376 C  "C5'" . OMC B 2 9 ? -14.14065 10.83709  -3.95274  1.000 22.85048 ? 9   OMC B "C5'" 1 
HETATM 377 O  "O5'" . OMC B 2 9 ? -13.09706 11.07118  -4.88465  1.000 22.83250 ? 9   OMC B "O5'" 1 
HETATM 378 P  P     . OMC B 2 9 ? -13.12774 10.39515  -6.32497  1.000 25.13236 ? 9   OMC B P     1 
HETATM 379 O  OP1   . OMC B 2 9 ? -14.40877 10.78181  -6.98415  1.000 26.73894 ? 9   OMC B OP1   1 
HETATM 380 O  OP2   . OMC B 2 9 ? -11.79374 10.70049  -7.01807  1.000 25.23782 ? 9   OMC B OP2   1 
HETATM 381 ZN ZN    . ZN  C 3 . ? 6.58553   -9.92931  4.02826   1.000 23.48379 ? 101 ZN  A ZN    1 
HETATM 382 ZN ZN    . ZN  D 3 . ? 3.81329   2.23877   1.50186   1.000 26.99579 ? 101 ZN  B ZN    1 
HETATM 383 ZN ZN    . ZN  E 3 . ? -2.74917  6.21064   -5.45436  1.000 32.14161 ? 102 ZN  B ZN    1 
HETATM 384 O  O     . HOH F 4 . ? -5.71916  -11.30683 -2.42921  1.000 34.02707 ? 201 HOH A O     1 
HETATM 385 O  O     . HOH F 4 . ? 15.83018  -11.91664 2.86038   1.000 33.44449 ? 202 HOH A O     1 
HETATM 386 O  O     . HOH F 4 . ? 4.72756   -8.67079  4.21777   1.000 21.74535 ? 203 HOH A O     1 
HETATM 387 O  O     . HOH F 4 . ? 6.15279   -11.92296 -5.99266  1.000 35.37679 ? 204 HOH A O     1 
HETATM 388 O  O     . HOH F 4 . ? 4.57682   -8.66673  7.72490   1.000 19.77227 ? 205 HOH A O     1 
HETATM 389 O  O     . HOH F 4 . ? -11.30312 3.67295   1.19427   1.000 27.18997 ? 206 HOH A O     1 
HETATM 390 O  O     . HOH F 4 . ? 10.15250  -11.23013 5.85474   1.000 27.13290 ? 207 HOH A O     1 
HETATM 391 O  O     . HOH F 4 . ? -5.84122  1.08955   9.64722   1.000 35.64829 ? 208 HOH A O     1 
HETATM 392 O  O     . HOH F 4 . ? -2.96990  6.05348   5.56483   1.000 28.04542 ? 209 HOH A O     1 
HETATM 393 O  O     . HOH F 4 . ? -2.41877  8.67652   -0.14946  1.000 25.46353 ? 210 HOH A O     1 
HETATM 394 O  O     . HOH F 4 . ? -4.77457  -0.15367  7.00142   1.000 31.96470 ? 211 HOH A O     1 
HETATM 395 O  O     . HOH F 4 . ? -7.38112  4.82928   11.15343  1.000 30.82591 ? 212 HOH A O     1 
HETATM 396 O  O     . HOH F 4 . ? -9.73395  -5.57370  4.98045   1.000 36.11162 ? 213 HOH A O     1 
HETATM 397 O  O     . HOH F 4 . ? 3.22076   -8.16765  1.78461   1.000 22.83250 ? 214 HOH A O     1 
HETATM 398 O  O     . HOH F 4 . ? -8.17919  -9.49304  -0.60931  1.000 30.42146 ? 215 HOH A O     1 
HETATM 399 O  O     . HOH F 4 . ? 1.95962   -9.76425  -0.24577  1.000 28.43692 ? 216 HOH A O     1 
HETATM 400 O  O     . HOH F 4 . ? 10.46297  -13.41209 -2.33189  1.000 32.58804 ? 217 HOH A O     1 
HETATM 401 O  O     . HOH F 4 . ? -8.62128  -8.35104  2.30375   1.000 37.02393 ? 218 HOH A O     1 
HETATM 402 O  O     . HOH F 4 . ? -5.00664  -5.04939  1.84956   1.000 30.37523 ? 219 HOH A O     1 
HETATM 403 O  O     . HOH F 4 . ? -2.41404  -11.93298 -5.12955  1.000 34.75915 ? 220 HOH A O     1 
HETATM 404 O  O     . HOH F 4 . ? -2.05595  3.09321   1.30114   1.000 24.45144 ? 221 HOH A O     1 
HETATM 405 O  O     . HOH F 4 . ? 12.15432  -5.17396  6.56411   1.000 26.85916 ? 222 HOH A O     1 
HETATM 406 O  O     . HOH F 4 . ? -8.81330  -1.21175  -4.35451  1.000 28.40390 ? 223 HOH A O     1 
HETATM 407 O  O     . HOH F 4 . ? -5.77903  -1.73948  3.43179   1.000 24.95291 ? 224 HOH A O     1 
HETATM 408 O  O     . HOH F 4 . ? 6.55562   -10.11954 1.86544   1.000 25.78045 ? 225 HOH A O     1 
HETATM 409 O  O     . HOH F 4 . ? 1.33398   -4.48026  2.55702   1.000 26.43919 ? 226 HOH A O     1 
HETATM 410 O  O     . HOH F 4 . ? 4.66057   -11.10172 0.75939   1.000 32.47420 ? 227 HOH A O     1 
HETATM 411 O  O     . HOH F 4 . ? -3.05418  -0.91247  2.83755   1.000 29.39227 ? 228 HOH A O     1 
HETATM 412 O  O     . HOH F 4 . ? -1.88148  5.58790   2.36102   1.000 29.82313 ? 229 HOH A O     1 
HETATM 413 O  O     . HOH F 4 . ? 6.70456   -9.98697  6.11999   1.000 21.50112 ? 230 HOH A O     1 
HETATM 414 O  O     . HOH F 4 . ? -2.00202  -7.77343  0.52947   1.000 31.78579 ? 231 HOH A O     1 
HETATM 415 O  O     . HOH F 4 . ? 11.29934  -4.94418  13.63059  1.000 29.47692 ? 232 HOH A O     1 
HETATM 416 O  O     . HOH F 4 . ? 8.31053   -11.19772 3.98047   1.000 28.94530 ? 233 HOH A O     1 
HETATM 417 O  O     . HOH F 4 . ? -2.31259  -3.60631  2.40372   1.000 30.15626 ? 234 HOH A O     1 
HETATM 418 O  O     . HOH F 4 . ? -12.04693 0.31334   7.03575   1.000 36.60394 ? 235 HOH A O     1 
HETATM 419 O  O     . HOH F 4 . ? -12.61039 -6.30613  2.21859   0.500 37.73856 ? 236 HOH A O     1 
HETATM 420 O  O     . HOH F 4 . ? 1.95691   -6.67875  3.85097   1.000 32.53763 ? 237 HOH A O     1 
HETATM 421 O  O     . HOH F 4 . ? -5.86453  6.87762   11.89427  1.000 32.73621 ? 238 HOH A O     1 
HETATM 422 O  O     . HOH F 4 . ? 2.21369   -8.18247  6.44078   1.000 30.69970 ? 239 HOH A O     1 
HETATM 423 O  O     . HOH F 4 . ? -5.27933  2.06785   12.81989  0.500 28.21446 ? 240 HOH A O     1 
HETATM 424 O  O     . HOH F 4 . ? -5.72242  -3.45616  7.01006   1.000 37.05982 ? 241 HOH A O     1 
HETATM 425 O  O     . HOH F 4 . ? -12.58510 -2.81835  -1.46401  1.000 35.19169 ? 242 HOH A O     1 
HETATM 426 O  O     . HOH F 4 . ? 7.32096   -12.39067 7.42663   1.000 31.29851 ? 243 HOH A O     1 
HETATM 427 O  O     . HOH F 4 . ? 5.39211   -11.69364 4.28107   1.000 26.77333 ? 244 HOH A O     1 
HETATM 428 O  O     . HOH F 4 . ? 9.60169   -13.22903 8.00427   1.000 33.57714 ? 245 HOH A O     1 
HETATM 429 O  O     . HOH F 4 . ? 6.71954   -14.24614 4.19608   1.000 37.89442 ? 246 HOH A O     1 
HETATM 430 O  O     . HOH F 4 . ? 2.51689   -10.76642 -8.51082  1.000 37.88254 ? 247 HOH A O     1 
HETATM 431 O  O     . HOH G 4 . ? 7.57885   6.28641   -0.19789  1.000 30.56993 ? 201 HOH B O     1 
HETATM 432 O  O     . HOH G 4 . ? -0.71372  6.07673   -11.08590 1.000 33.74742 ? 202 HOH B O     1 
HETATM 433 O  O     . HOH G 4 . ? 2.23530   0.89218   2.10124   1.000 29.73991 ? 203 HOH B O     1 
HETATM 434 O  O     . HOH G 4 . ? 0.26476   2.41710   0.00560   1.000 28.83712 ? 204 HOH B O     1 
HETATM 435 O  O     . HOH G 4 . ? 2.65840   3.67107   -2.31399  1.000 33.60605 ? 205 HOH B O     1 
HETATM 436 O  O     . HOH G 4 . ? -0.94310  4.52229   -4.14202  1.000 28.52732 ? 206 HOH B O     1 
HETATM 437 O  O     . HOH G 4 . ? 8.01365   3.55546   1.73658   1.000 27.95777 ? 207 HOH B O     1 
HETATM 438 O  O     . HOH G 4 . ? -15.82259 12.92745  -6.42416  1.000 32.08771 ? 208 HOH B O     1 
HETATM 439 O  O     . HOH G 4 . ? -16.83092 12.81002  -2.02016  1.000 23.25302 ? 209 HOH B O     1 
HETATM 440 O  O     . HOH G 4 . ? 5.03280   1.15442   2.94494   1.000 27.94105 ? 210 HOH B O     1 
HETATM 441 O  O     . HOH G 4 . ? -4.64588  8.19161   -12.39514 1.000 31.74836 ? 211 HOH B O     1 
HETATM 442 O  O     . HOH G 4 . ? -14.93219 14.88918  -4.81895  1.000 26.28473 ? 212 HOH B O     1 
HETATM 443 O  O     . HOH G 4 . ? 11.62407  -3.39988  3.93358   1.000 25.96178 ? 213 HOH B O     1 
HETATM 444 O  O     . HOH G 4 . ? -1.96639  5.10044   -7.23923  1.000 27.43803 ? 214 HOH B O     1 
HETATM 445 O  O     . HOH G 4 . ? 5.40441   3.15863   4.95433   1.000 30.12086 ? 215 HOH B O     1 
HETATM 446 O  O     . HOH G 4 . ? -6.14615  7.89785   -6.10962  1.000 26.17736 ? 216 HOH B O     1 
HETATM 447 O  O     . HOH G 4 . ? 5.48805   5.62707   -1.43711  1.000 32.12067 ? 217 HOH B O     1 
HETATM 448 O  O     . HOH G 4 . ? 1.53279   6.11943   -5.59409  1.000 36.70726 ? 218 HOH B O     1 
HETATM 449 O  O     . HOH G 4 . ? -2.52909  7.12904   -3.62926  1.000 26.69969 ? 219 HOH B O     1 
HETATM 450 O  O     . HOH G 4 . ? 10.72758  -2.64292  -2.55469  0.500 24.13565 ? 220 HOH B O     1 
HETATM 451 O  O     . HOH G 4 . ? -8.64362  10.44242  -6.95890  1.000 27.40401 ? 221 HOH B O     1 
HETATM 452 O  O     . HOH G 4 . ? -3.97874  7.43281   -6.57869  1.000 27.78340 ? 222 HOH B O     1 
HETATM 453 O  O     . HOH G 4 . ? -15.94318 7.12935   -5.45349  1.000 30.75399 ? 223 HOH B O     1 
HETATM 454 O  O     . HOH G 4 . ? 4.43857   -2.91418  -6.60859  1.000 25.90196 ? 224 HOH B O     1 
HETATM 455 O  O     . HOH G 4 . ? -11.54984 2.98225   -2.53336  1.000 29.95149 ? 225 HOH B O     1 
HETATM 456 O  O     . HOH G 4 . ? 5.34639   3.73771   1.12988   1.000 25.86013 ? 226 HOH B O     1 
HETATM 457 O  O     . HOH G 4 . ? -16.90013 9.19747   -5.95993  1.000 34.12655 ? 227 HOH B O     1 
HETATM 458 O  O     . HOH G 4 . ? -7.60986  -0.48027  -6.75239  1.000 27.01875 ? 228 HOH B O     1 
HETATM 459 O  O     . HOH G 4 . ? 0.52064   -4.87172  6.27977   1.000 32.76893 ? 229 HOH B O     1 
HETATM 460 O  O     . HOH G 4 . ? -5.48375  10.93138  -5.65780  1.000 23.61151 ? 230 HOH B O     1 
HETATM 461 O  O     . HOH G 4 . ? -12.21316 5.14398   -0.53079  1.000 26.48424 ? 231 HOH B O     1 
HETATM 462 O  O     . HOH G 4 . ? -4.06191  8.93327   -3.72801  1.000 29.20055 ? 232 HOH B O     1 
HETATM 463 O  O     . HOH G 4 . ? -0.35846  3.94176   -1.61825  1.000 30.52420 ? 233 HOH B O     1 
HETATM 464 O  O     . HOH G 4 . ? 2.82308   3.64322   0.08221   1.000 34.95648 ? 234 HOH B O     1 
HETATM 465 O  O     . HOH G 4 . ? 1.26494   -2.00799  4.05705   1.000 31.55297 ? 235 HOH B O     1 
HETATM 466 O  O     . HOH G 4 . ? 5.54045   -1.42318  -9.01594  1.000 28.60928 ? 236 HOH B O     1 
HETATM 467 O  O     . HOH G 4 . ? 4.46979   8.66448   -3.09563  1.000 34.57891 ? 237 HOH B O     1 
HETATM 468 O  O     . HOH G 4 . ? -0.69933  8.43291   -7.83630  1.000 37.79691 ? 238 HOH B O     1 
HETATM 469 O  O     . HOH G 4 . ? -6.41704  11.56452  -9.86954  1.000 38.16828 ? 239 HOH B O     1 
HETATM 470 O  O     . HOH G 4 . ? -0.84447  7.55009   -5.69093  1.000 31.51828 ? 240 HOH B O     1 
HETATM 471 O  O     . HOH G 4 . ? 15.00609  2.45173   4.64669   0.500 30.10865 ? 241 HOH B O     1 
HETATM 472 O  O     A HOH G 4 . ? -14.90651 5.19156   -7.94129  0.490 26.24737 ? 242 HOH B O     1 
HETATM 473 O  O     B HOH G 4 . ? -14.04247 3.83093   -6.96354  0.510 25.45744 ? 242 HOH B O     1 
HETATM 474 O  O     . HOH G 4 . ? 2.84011   3.49991   3.14241   1.000 34.38404 ? 243 HOH B O     1 
HETATM 475 O  O     . HOH G 4 . ? -0.56224  -2.19767  6.28323   1.000 38.12755 ? 244 HOH B O     1 
HETATM 476 O  O     . HOH G 4 . ? -2.99113  10.24390  -7.69248  1.000 35.12533 ? 245 HOH B O     1 
# 
